data_8BB0
#
_entry.id   8BB0
#
_cell.length_a   49.110
_cell.length_b   101.099
_cell.length_c   79.893
_cell.angle_alpha   90.000
_cell.angle_beta   97.810
_cell.angle_gamma   90.000
#
_symmetry.space_group_name_H-M   'P 1 21 1'
#
loop_
_entity.id
_entity.type
_entity.pdbx_description
1 polymer 'Surface layer protein'
2 non-polymer 'SODIUM ION'
3 non-polymer 'THIOCYANATE ION'
4 non-polymer GLYCEROL
5 non-polymer 'ACETATE ION'
6 non-polymer Hydroxocobalamin
7 non-polymer 'TRIETHYLENE GLYCOL'
8 non-polymer DI(HYDROXYETHYL)ETHER
9 water water
#
_entity_poly.entity_id   1
_entity_poly.type   'polypeptide(L)'
_entity_poly.pdbx_seq_one_letter_code
;MASGLFITNEGNFQYSNATLSYYDPATCEVENEVFYRANGFKLGDVAQSMVIRDGIGWIVVNNSHVIFAIDINTFKEVGR
ITGFTSPRYIHFLSDEKAYVTQIWDYRIFIINPKTYEITGYIECPDMDMESGSTEQMVQYGKYVYVNCWSYQNRILKIDT
ETDKVVDELTIGIQPTSLVMDKYNKMWTITDGGYEGSPYGYEAPSLYRIDAETFTVEKQFKFKLGDWPSEVQLNGTRDTL
YWINNDIWRMPVEADRVPVRPFLEFRDTKYYGLTVNPNNGEVYVADAIDYQQQGIVYRYSPQGKLIDEFYVGIIPGAFCW
KLEVLFQ
;
_entity_poly.pdbx_strand_id   A,B
#
loop_
_chem_comp.id
_chem_comp.type
_chem_comp.name
_chem_comp.formula
ACT non-polymer 'ACETATE ION' 'C2 H3 O2 -1'
GOL non-polymer GLYCEROL 'C3 H8 O3'
I2A non-polymer Hydroxocobalamin 'C62 H88 Co N13 O15 P'
NA non-polymer 'SODIUM ION' 'Na 1'
PEG non-polymer DI(HYDROXYETHYL)ETHER 'C4 H10 O3'
PGE non-polymer 'TRIETHYLENE GLYCOL' 'C6 H14 O4'
SCN non-polymer 'THIOCYANATE ION' 'C N S -1'
#
# COMPACT_ATOMS: atom_id res chain seq x y z
N SER A 3 -8.60 -14.92 13.49
CA SER A 3 -8.69 -14.87 12.02
C SER A 3 -7.90 -16.05 11.44
N GLY A 4 -8.18 -16.40 10.18
CA GLY A 4 -7.51 -17.55 9.62
C GLY A 4 -7.58 -17.62 8.12
N LEU A 5 -6.80 -18.57 7.59
CA LEU A 5 -6.67 -18.70 6.16
C LEU A 5 -6.85 -20.15 5.73
N PHE A 6 -7.78 -20.38 4.80
CA PHE A 6 -7.91 -21.67 4.16
C PHE A 6 -7.07 -21.68 2.88
N ILE A 7 -6.42 -22.81 2.63
CA ILE A 7 -5.72 -23.02 1.35
C ILE A 7 -6.32 -24.27 0.73
N THR A 8 -6.83 -24.14 -0.50
CA THR A 8 -7.27 -25.32 -1.24
C THR A 8 -6.05 -25.84 -2.03
N ASN A 9 -5.95 -27.15 -2.10
CA ASN A 9 -4.90 -27.84 -2.83
C ASN A 9 -5.60 -28.63 -3.92
N GLU A 10 -5.24 -28.37 -5.17
CA GLU A 10 -5.96 -29.06 -6.27
C GLU A 10 -5.57 -30.54 -6.35
N GLY A 11 -4.39 -30.87 -5.82
CA GLY A 11 -3.84 -32.18 -6.04
C GLY A 11 -3.60 -32.34 -7.53
N ASN A 12 -3.28 -33.56 -7.93
CA ASN A 12 -3.01 -33.88 -9.31
C ASN A 12 -4.30 -34.29 -10.00
N PHE A 13 -4.65 -33.56 -11.06
CA PHE A 13 -5.81 -33.86 -11.88
C PHE A 13 -5.82 -35.34 -12.26
N GLN A 14 -6.97 -35.99 -11.98
CA GLN A 14 -7.30 -37.39 -12.23
C GLN A 14 -6.64 -38.35 -11.24
N TYR A 15 -6.20 -37.83 -10.07
CA TYR A 15 -5.63 -38.71 -9.04
C TYR A 15 -6.38 -38.63 -7.70
N SER A 16 -7.33 -37.68 -7.55
CA SER A 16 -8.19 -37.58 -6.36
C SER A 16 -7.34 -37.42 -5.10
N ASN A 17 -6.38 -36.48 -5.12
CA ASN A 17 -5.55 -36.20 -3.95
C ASN A 17 -5.59 -34.72 -3.56
N ALA A 18 -6.69 -34.03 -3.89
CA ALA A 18 -6.97 -32.68 -3.39
C ALA A 18 -7.12 -32.70 -1.88
N THR A 19 -6.70 -31.63 -1.26
CA THR A 19 -6.87 -31.50 0.18
C THR A 19 -7.14 -30.07 0.54
N LEU A 20 -7.51 -29.85 1.80
CA LEU A 20 -7.74 -28.54 2.39
C LEU A 20 -6.75 -28.33 3.54
N SER A 21 -6.15 -27.14 3.57
CA SER A 21 -5.27 -26.72 4.66
C SER A 21 -5.88 -25.51 5.34
N TYR A 22 -5.49 -25.32 6.63
CA TYR A 22 -5.89 -24.15 7.40
C TYR A 22 -4.70 -23.62 8.18
N TYR A 23 -4.46 -22.31 8.04
CA TYR A 23 -3.33 -21.61 8.65
C TYR A 23 -3.82 -20.52 9.57
N ASP A 24 -3.19 -20.47 10.77
CA ASP A 24 -3.42 -19.44 11.75
C ASP A 24 -2.26 -18.45 11.70
N PRO A 25 -2.45 -17.25 11.11
CA PRO A 25 -1.35 -16.30 11.00
C PRO A 25 -0.84 -15.76 12.33
N ALA A 26 -1.64 -15.85 13.39
CA ALA A 26 -1.19 -15.36 14.69
C ALA A 26 -0.13 -16.30 15.28
N THR A 27 -0.31 -17.61 15.10
CA THR A 27 0.61 -18.60 15.66
C THR A 27 1.60 -19.14 14.65
N CYS A 28 1.42 -18.80 13.36
CA CYS A 28 2.21 -19.34 12.27
C CYS A 28 2.16 -20.87 12.27
N GLU A 29 0.97 -21.42 12.51
CA GLU A 29 0.79 -22.86 12.47
C GLU A 29 -0.18 -23.24 11.34
N VAL A 30 0.18 -24.27 10.57
CA VAL A 30 -0.71 -24.83 9.55
C VAL A 30 -1.18 -26.21 10.02
N GLU A 31 -2.42 -26.55 9.63
CA GLU A 31 -2.95 -27.89 9.72
C GLU A 31 -3.28 -28.31 8.29
N ASN A 32 -2.75 -29.46 7.89
CA ASN A 32 -2.99 -30.01 6.56
C ASN A 32 -4.03 -31.12 6.62
N GLU A 33 -4.64 -31.44 5.46
CA GLU A 33 -5.63 -32.52 5.36
C GLU A 33 -6.78 -32.32 6.36
N VAL A 34 -7.25 -31.08 6.53
CA VAL A 34 -8.19 -30.77 7.60
C VAL A 34 -9.60 -31.26 7.29
N PHE A 35 -9.97 -31.36 6.03
CA PHE A 35 -11.28 -31.88 5.68
C PHE A 35 -11.37 -33.35 6.07
N TYR A 36 -10.33 -34.12 5.73
CA TYR A 36 -10.23 -35.52 6.11
C TYR A 36 -10.23 -35.60 7.64
N ARG A 37 -9.42 -34.79 8.29
CA ARG A 37 -9.31 -34.87 9.75
C ARG A 37 -10.71 -34.75 10.37
N ALA A 38 -11.53 -33.83 9.86
CA ALA A 38 -12.82 -33.59 10.48
C ALA A 38 -13.89 -34.58 10.04
N ASN A 39 -13.83 -35.03 8.75
CA ASN A 39 -14.92 -35.78 8.18
C ASN A 39 -14.64 -37.27 7.97
N GLY A 40 -13.36 -37.66 7.91
CA GLY A 40 -13.03 -39.05 7.71
C GLY A 40 -13.29 -39.51 6.27
N PHE A 41 -13.31 -38.56 5.33
CA PHE A 41 -13.26 -38.90 3.94
C PHE A 41 -12.71 -37.68 3.23
N LYS A 42 -12.39 -37.84 1.96
CA LYS A 42 -11.66 -36.77 1.28
C LYS A 42 -12.51 -35.98 0.28
N LEU A 43 -12.00 -34.81 -0.12
CA LEU A 43 -12.73 -33.88 -0.99
C LEU A 43 -12.93 -34.42 -2.38
N GLY A 44 -11.90 -35.07 -2.91
CA GLY A 44 -11.94 -35.58 -4.28
C GLY A 44 -10.79 -35.05 -5.15
N ASP A 45 -11.17 -34.55 -6.34
CA ASP A 45 -10.23 -34.25 -7.40
C ASP A 45 -10.36 -32.79 -7.84
N VAL A 46 -9.26 -32.03 -7.69
CA VAL A 46 -9.12 -30.63 -8.06
C VAL A 46 -10.07 -29.72 -7.25
N ALA A 47 -9.73 -29.56 -5.96
CA ALA A 47 -10.32 -28.49 -5.17
C ALA A 47 -9.85 -27.17 -5.75
N GLN A 48 -10.78 -26.37 -6.25
CA GLN A 48 -10.49 -25.23 -7.11
C GLN A 48 -10.57 -23.88 -6.43
N SER A 49 -11.53 -23.75 -5.47
CA SER A 49 -11.81 -22.45 -4.91
C SER A 49 -12.68 -22.60 -3.67
N MET A 50 -12.75 -21.51 -2.89
CA MET A 50 -13.54 -21.54 -1.67
C MET A 50 -14.00 -20.12 -1.35
N VAL A 51 -15.24 -20.04 -0.84
CA VAL A 51 -15.86 -18.79 -0.40
C VAL A 51 -16.48 -19.05 0.97
N ILE A 52 -16.42 -18.06 1.88
CA ILE A 52 -17.13 -18.14 3.15
C ILE A 52 -18.24 -17.10 3.15
N ARG A 53 -19.42 -17.54 3.55
CA ARG A 53 -20.54 -16.64 3.78
C ARG A 53 -21.30 -17.10 5.01
N ASP A 54 -21.47 -16.18 5.96
CA ASP A 54 -22.33 -16.45 7.09
C ASP A 54 -21.92 -17.73 7.83
N GLY A 55 -20.63 -17.91 8.09
CA GLY A 55 -20.20 -19.02 8.92
C GLY A 55 -20.04 -20.35 8.19
N ILE A 56 -20.34 -20.37 6.89
CA ILE A 56 -20.27 -21.58 6.08
C ILE A 56 -19.21 -21.39 5.01
N GLY A 57 -18.33 -22.38 4.88
CA GLY A 57 -17.35 -22.38 3.81
C GLY A 57 -17.85 -23.26 2.67
N TRP A 58 -17.74 -22.75 1.44
CA TRP A 58 -18.20 -23.43 0.25
C TRP A 58 -16.98 -23.78 -0.61
N ILE A 59 -16.68 -25.06 -0.72
CA ILE A 59 -15.48 -25.57 -1.35
C ILE A 59 -15.89 -26.24 -2.67
N VAL A 60 -15.36 -25.69 -3.77
CA VAL A 60 -15.69 -26.19 -5.10
C VAL A 60 -14.67 -27.27 -5.46
N VAL A 61 -15.15 -28.49 -5.73
CA VAL A 61 -14.28 -29.58 -6.13
C VAL A 61 -14.58 -29.88 -7.58
N ASN A 62 -13.70 -29.26 -8.40
CA ASN A 62 -13.94 -29.17 -9.83
C ASN A 62 -14.13 -30.51 -10.54
N ASN A 63 -13.34 -31.54 -10.21
CA ASN A 63 -13.44 -32.77 -10.97
C ASN A 63 -14.14 -33.84 -10.15
N SER A 64 -14.90 -33.39 -9.11
CA SER A 64 -15.79 -34.29 -8.39
C SER A 64 -17.25 -33.87 -8.44
N HIS A 65 -17.59 -32.87 -9.26
CA HIS A 65 -18.98 -32.53 -9.57
C HIS A 65 -19.73 -32.03 -8.35
N VAL A 66 -19.03 -31.39 -7.41
CA VAL A 66 -19.64 -31.14 -6.11
C VAL A 66 -19.07 -29.85 -5.50
N ILE A 67 -19.92 -29.21 -4.69
CA ILE A 67 -19.48 -28.18 -3.76
C ILE A 67 -19.86 -28.66 -2.37
N PHE A 68 -18.89 -28.66 -1.49
CA PHE A 68 -19.14 -28.99 -0.09
C PHE A 68 -19.32 -27.71 0.72
N ALA A 69 -20.30 -27.76 1.64
CA ALA A 69 -20.48 -26.70 2.63
C ALA A 69 -19.99 -27.21 3.99
N ILE A 70 -19.06 -26.47 4.59
CA ILE A 70 -18.51 -26.86 5.89
C ILE A 70 -18.76 -25.75 6.90
N ASP A 71 -18.85 -26.20 8.13
CA ASP A 71 -18.72 -25.31 9.27
C ASP A 71 -17.26 -24.81 9.33
N ILE A 72 -17.08 -23.48 9.35
CA ILE A 72 -15.74 -22.91 9.29
C ILE A 72 -14.92 -23.07 10.57
N ASN A 73 -15.54 -23.58 11.64
CA ASN A 73 -14.82 -23.79 12.88
C ASN A 73 -14.51 -25.27 13.17
N THR A 74 -15.46 -26.17 12.90
CA THR A 74 -15.21 -27.58 13.10
C THR A 74 -14.70 -28.28 11.83
N PHE A 75 -14.92 -27.64 10.66
CA PHE A 75 -14.59 -28.21 9.35
C PHE A 75 -15.50 -29.37 8.94
N LYS A 76 -16.57 -29.62 9.69
CA LYS A 76 -17.50 -30.67 9.35
C LYS A 76 -18.40 -30.28 8.18
N GLU A 77 -18.61 -31.23 7.24
CA GLU A 77 -19.60 -31.06 6.21
C GLU A 77 -20.99 -30.82 6.81
N VAL A 78 -21.62 -29.73 6.38
CA VAL A 78 -22.99 -29.46 6.78
C VAL A 78 -23.95 -29.60 5.60
N GLY A 79 -23.41 -29.69 4.38
CA GLY A 79 -24.24 -29.96 3.22
C GLY A 79 -23.35 -30.05 2.01
N ARG A 80 -23.98 -30.38 0.89
CA ARG A 80 -23.27 -30.41 -0.38
C ARG A 80 -24.30 -30.23 -1.48
N ILE A 81 -23.77 -29.81 -2.63
CA ILE A 81 -24.56 -29.75 -3.85
C ILE A 81 -23.78 -30.54 -4.89
N THR A 82 -24.48 -31.47 -5.53
CA THR A 82 -23.90 -32.34 -6.55
C THR A 82 -24.57 -32.07 -7.90
N GLY A 83 -23.97 -32.62 -8.95
CA GLY A 83 -24.57 -32.61 -10.28
C GLY A 83 -23.96 -31.60 -11.24
N PHE A 84 -22.93 -30.88 -10.78
CA PHE A 84 -22.23 -29.91 -11.60
C PHE A 84 -21.38 -30.63 -12.63
N THR A 85 -21.30 -30.05 -13.84
CA THR A 85 -20.46 -30.65 -14.86
C THR A 85 -18.99 -30.67 -14.42
N SER A 86 -18.46 -29.47 -14.10
CA SER A 86 -17.06 -29.31 -13.75
C SER A 86 -16.90 -27.94 -13.14
N PRO A 87 -17.34 -27.77 -11.88
CA PRO A 87 -17.53 -26.43 -11.35
C PRO A 87 -16.22 -25.70 -11.05
N ARG A 88 -16.29 -24.36 -11.11
CA ARG A 88 -15.12 -23.51 -10.98
C ARG A 88 -15.21 -22.58 -9.76
N TYR A 89 -16.08 -21.59 -9.84
CA TYR A 89 -16.23 -20.53 -8.83
C TYR A 89 -17.71 -20.36 -8.47
N ILE A 90 -17.95 -19.92 -7.22
CA ILE A 90 -19.27 -19.63 -6.72
C ILE A 90 -19.33 -18.13 -6.37
N HIS A 91 -20.42 -17.49 -6.80
CA HIS A 91 -20.67 -16.09 -6.52
C HIS A 91 -22.09 -15.94 -6.03
N PHE A 92 -22.21 -15.42 -4.79
CA PHE A 92 -23.52 -15.24 -4.17
C PHE A 92 -24.17 -13.93 -4.58
N LEU A 93 -25.46 -14.01 -4.91
CA LEU A 93 -26.23 -12.81 -5.19
CA LEU A 93 -26.25 -12.82 -5.19
C LEU A 93 -27.15 -12.49 -4.01
N SER A 94 -27.52 -13.52 -3.25
CA SER A 94 -28.31 -13.38 -2.03
C SER A 94 -28.12 -14.66 -1.23
N ASP A 95 -28.81 -14.75 -0.08
CA ASP A 95 -28.78 -15.99 0.67
C ASP A 95 -29.39 -17.17 -0.12
N GLU A 96 -30.28 -16.89 -1.07
CA GLU A 96 -31.02 -17.96 -1.74
C GLU A 96 -30.62 -18.08 -3.22
N LYS A 97 -29.54 -17.42 -3.67
CA LYS A 97 -29.16 -17.51 -5.06
C LYS A 97 -27.66 -17.29 -5.21
N ALA A 98 -27.01 -18.21 -5.95
CA ALA A 98 -25.62 -18.08 -6.32
C ALA A 98 -25.44 -18.66 -7.72
N TYR A 99 -24.39 -18.17 -8.35
CA TYR A 99 -23.95 -18.72 -9.62
C TYR A 99 -22.73 -19.61 -9.43
N VAL A 100 -22.65 -20.70 -10.21
CA VAL A 100 -21.51 -21.60 -10.17
C VAL A 100 -21.06 -21.83 -11.60
N THR A 101 -19.89 -21.24 -11.90
CA THR A 101 -19.34 -21.37 -13.27
C THR A 101 -18.74 -22.75 -13.48
N GLN A 102 -18.46 -23.06 -14.78
CA GLN A 102 -18.17 -24.41 -15.20
C GLN A 102 -17.16 -24.43 -16.35
N ILE A 103 -16.34 -25.45 -16.36
CA ILE A 103 -15.62 -25.82 -17.60
C ILE A 103 -16.32 -27.01 -18.23
N TRP A 104 -16.20 -27.16 -19.56
CA TRP A 104 -16.82 -28.25 -20.31
C TRP A 104 -18.36 -28.17 -20.26
N ASP A 105 -18.86 -26.94 -20.23
CA ASP A 105 -20.29 -26.68 -20.24
C ASP A 105 -20.48 -25.27 -20.75
N TYR A 106 -21.59 -25.02 -21.46
CA TYR A 106 -21.90 -23.68 -21.94
C TYR A 106 -22.86 -22.95 -20.99
N ARG A 107 -23.19 -23.60 -19.87
CA ARG A 107 -24.20 -23.02 -18.95
C ARG A 107 -23.63 -22.69 -17.57
N ILE A 108 -24.05 -21.58 -16.97
CA ILE A 108 -23.63 -21.24 -15.58
C ILE A 108 -24.76 -21.73 -14.66
N PHE A 109 -24.44 -22.59 -13.69
CA PHE A 109 -25.49 -23.15 -12.88
C PHE A 109 -25.95 -22.12 -11.84
N ILE A 110 -27.26 -22.07 -11.61
CA ILE A 110 -27.84 -21.29 -10.55
C ILE A 110 -28.24 -22.24 -9.43
N ILE A 111 -27.91 -21.85 -8.20
CA ILE A 111 -28.21 -22.67 -7.03
C ILE A 111 -28.91 -21.85 -5.97
N ASN A 112 -29.57 -22.57 -5.08
CA ASN A 112 -30.12 -22.01 -3.86
C ASN A 112 -29.30 -22.60 -2.70
N PRO A 113 -28.36 -21.82 -2.14
CA PRO A 113 -27.47 -22.31 -1.10
C PRO A 113 -28.19 -22.73 0.18
N LYS A 114 -29.39 -22.18 0.41
CA LYS A 114 -30.18 -22.49 1.58
C LYS A 114 -30.78 -23.90 1.50
N THR A 115 -31.13 -24.33 0.28
CA THR A 115 -31.77 -25.63 0.10
C THR A 115 -30.82 -26.65 -0.52
N TYR A 116 -29.61 -26.23 -0.87
CA TYR A 116 -28.61 -27.09 -1.50
C TYR A 116 -29.14 -27.68 -2.80
N GLU A 117 -29.73 -26.82 -3.65
CA GLU A 117 -30.33 -27.30 -4.89
C GLU A 117 -29.87 -26.47 -6.06
N ILE A 118 -29.80 -27.14 -7.23
CA ILE A 118 -29.72 -26.43 -8.50
C ILE A 118 -31.11 -25.89 -8.83
N THR A 119 -31.18 -24.62 -9.20
CA THR A 119 -32.45 -23.94 -9.40
C THR A 119 -32.59 -23.31 -10.79
N GLY A 120 -31.53 -23.34 -11.58
CA GLY A 120 -31.62 -22.90 -12.96
C GLY A 120 -30.27 -22.94 -13.65
N TYR A 121 -30.28 -22.41 -14.87
CA TYR A 121 -29.11 -22.38 -15.73
C TYR A 121 -29.13 -21.08 -16.53
N ILE A 122 -27.94 -20.58 -16.78
CA ILE A 122 -27.73 -19.47 -17.71
C ILE A 122 -26.98 -20.01 -18.90
N GLU A 123 -27.57 -19.89 -20.08
CA GLU A 123 -26.91 -20.33 -21.31
C GLU A 123 -26.02 -19.22 -21.86
N CYS A 124 -24.76 -19.56 -22.10
CA CYS A 124 -23.83 -18.60 -22.67
C CYS A 124 -23.93 -18.68 -24.18
N PRO A 125 -23.89 -17.52 -24.86
CA PRO A 125 -23.97 -17.49 -26.33
C PRO A 125 -22.70 -18.05 -26.95
N ASP A 126 -22.85 -18.65 -28.14
CA ASP A 126 -21.74 -19.09 -28.97
C ASP A 126 -20.74 -19.93 -28.15
N MET A 127 -21.29 -20.92 -27.46
CA MET A 127 -20.49 -21.76 -26.59
C MET A 127 -21.13 -23.15 -26.53
N ASP A 128 -20.30 -24.19 -26.44
CA ASP A 128 -20.79 -25.56 -26.42
C ASP A 128 -20.21 -26.31 -25.22
N MET A 129 -20.60 -27.59 -25.07
CA MET A 129 -20.07 -28.39 -23.97
C MET A 129 -18.61 -28.79 -24.24
N GLU A 130 -18.28 -29.09 -25.51
CA GLU A 130 -16.97 -29.60 -25.85
C GLU A 130 -15.84 -28.65 -25.44
N SER A 131 -16.05 -27.33 -25.55
CA SER A 131 -14.98 -26.37 -25.28
C SER A 131 -15.45 -25.22 -24.38
N GLY A 132 -16.61 -25.36 -23.75
CA GLY A 132 -17.16 -24.30 -22.94
C GLY A 132 -16.32 -23.97 -21.70
N SER A 133 -16.35 -22.70 -21.31
CA SER A 133 -15.71 -22.28 -20.06
C SER A 133 -16.26 -20.94 -19.58
N THR A 134 -16.68 -20.92 -18.31
CA THR A 134 -16.91 -19.75 -17.51
C THR A 134 -16.09 -19.91 -16.22
N GLU A 135 -15.59 -18.80 -15.68
CA GLU A 135 -14.54 -18.89 -14.65
C GLU A 135 -14.85 -17.92 -13.51
N GLN A 136 -14.08 -16.83 -13.37
CA GLN A 136 -14.27 -15.99 -12.18
C GLN A 136 -15.32 -14.92 -12.46
N MET A 137 -15.89 -14.35 -11.39
CA MET A 137 -17.00 -13.44 -11.46
C MET A 137 -16.74 -12.19 -10.61
N VAL A 138 -17.20 -11.04 -11.10
CA VAL A 138 -17.29 -9.82 -10.30
C VAL A 138 -18.67 -9.21 -10.47
N GLN A 139 -19.12 -8.50 -9.43
CA GLN A 139 -20.43 -7.88 -9.49
C GLN A 139 -20.29 -6.38 -9.72
N TYR A 140 -21.18 -5.83 -10.54
CA TYR A 140 -21.23 -4.39 -10.81
C TYR A 140 -22.70 -4.00 -10.82
N GLY A 141 -23.20 -3.53 -9.67
CA GLY A 141 -24.63 -3.28 -9.55
C GLY A 141 -25.43 -4.56 -9.72
N LYS A 142 -26.42 -4.52 -10.62
CA LYS A 142 -27.23 -5.69 -10.90
C LYS A 142 -26.55 -6.65 -11.89
N TYR A 143 -25.34 -6.30 -12.38
CA TYR A 143 -24.68 -7.14 -13.37
C TYR A 143 -23.58 -7.98 -12.72
N VAL A 144 -23.34 -9.17 -13.29
CA VAL A 144 -22.16 -9.97 -13.04
C VAL A 144 -21.37 -10.02 -14.33
N TYR A 145 -20.08 -9.72 -14.21
CA TYR A 145 -19.13 -9.98 -15.28
C TYR A 145 -18.38 -11.28 -15.00
N VAL A 146 -18.11 -12.05 -16.06
CA VAL A 146 -17.49 -13.34 -15.91
C VAL A 146 -16.48 -13.55 -17.03
N ASN A 147 -15.29 -14.01 -16.70
CA ASN A 147 -14.34 -14.35 -17.76
C ASN A 147 -14.60 -15.77 -18.23
N CYS A 148 -14.37 -15.98 -19.53
CA CYS A 148 -14.45 -17.29 -20.17
C CYS A 148 -13.02 -17.69 -20.54
N TRP A 149 -12.51 -18.75 -19.91
CA TRP A 149 -11.09 -19.01 -19.85
C TRP A 149 -10.66 -20.02 -20.93
N SER A 150 -11.00 -21.30 -20.71
CA SER A 150 -10.45 -22.38 -21.49
C SER A 150 -11.07 -22.39 -22.89
N TYR A 151 -10.21 -22.20 -23.92
CA TYR A 151 -10.65 -22.20 -25.31
C TYR A 151 -11.72 -21.12 -25.56
N GLN A 152 -11.62 -20.01 -24.81
CA GLN A 152 -12.50 -18.88 -25.01
C GLN A 152 -11.67 -17.61 -24.98
N ASN A 153 -12.29 -16.48 -25.33
CA ASN A 153 -11.58 -15.20 -25.42
C ASN A 153 -12.51 -14.05 -25.10
N ARG A 154 -13.41 -14.24 -24.11
CA ARG A 154 -14.45 -13.28 -23.83
C ARG A 154 -14.62 -13.03 -22.33
N ILE A 155 -15.10 -11.84 -22.07
CA ILE A 155 -15.81 -11.50 -20.82
C ILE A 155 -17.29 -11.39 -21.17
N LEU A 156 -18.16 -12.01 -20.37
CA LEU A 156 -19.61 -11.87 -20.54
C LEU A 156 -20.18 -10.97 -19.43
N LYS A 157 -21.32 -10.35 -19.75
CA LYS A 157 -22.09 -9.52 -18.82
C LYS A 157 -23.46 -10.14 -18.65
N ILE A 158 -23.79 -10.44 -17.38
CA ILE A 158 -25.04 -11.12 -17.03
C ILE A 158 -25.92 -10.15 -16.24
N ASP A 159 -27.17 -9.99 -16.68
CA ASP A 159 -28.20 -9.31 -15.90
C ASP A 159 -28.73 -10.29 -14.87
N THR A 160 -28.51 -9.98 -13.58
CA THR A 160 -28.83 -10.91 -12.50
C THR A 160 -30.32 -10.87 -12.17
N GLU A 161 -31.08 -9.91 -12.72
CA GLU A 161 -32.53 -9.88 -12.52
CA GLU A 161 -32.53 -9.88 -12.54
C GLU A 161 -33.16 -11.01 -13.35
N THR A 162 -32.77 -11.08 -14.61
CA THR A 162 -33.34 -12.05 -15.56
C THR A 162 -32.46 -13.29 -15.74
N ASP A 163 -31.25 -13.27 -15.17
CA ASP A 163 -30.30 -14.37 -15.30
C ASP A 163 -30.00 -14.65 -16.77
N LYS A 164 -29.65 -13.59 -17.49
CA LYS A 164 -29.40 -13.65 -18.92
C LYS A 164 -28.09 -12.96 -19.23
N VAL A 165 -27.36 -13.53 -20.19
CA VAL A 165 -26.22 -12.83 -20.77
C VAL A 165 -26.76 -11.74 -21.67
N VAL A 166 -26.28 -10.50 -21.47
CA VAL A 166 -26.79 -9.35 -22.20
C VAL A 166 -25.70 -8.63 -22.97
N ASP A 167 -24.42 -8.98 -22.77
CA ASP A 167 -23.36 -8.37 -23.57
C ASP A 167 -22.11 -9.23 -23.46
N GLU A 168 -21.14 -8.94 -24.32
CA GLU A 168 -19.89 -9.64 -24.34
C GLU A 168 -18.82 -8.73 -24.92
N LEU A 169 -17.58 -9.03 -24.50
CA LEU A 169 -16.41 -8.34 -24.97
C LEU A 169 -15.35 -9.38 -25.35
N THR A 170 -14.83 -9.29 -26.58
CA THR A 170 -13.78 -10.18 -27.05
C THR A 170 -12.42 -9.54 -26.82
N ILE A 171 -11.51 -10.30 -26.23
CA ILE A 171 -10.16 -9.87 -25.95
C ILE A 171 -9.22 -11.00 -26.39
N GLY A 172 -7.95 -10.94 -25.95
CA GLY A 172 -6.98 -11.99 -26.19
C GLY A 172 -7.47 -13.35 -25.70
N ILE A 173 -6.84 -14.42 -26.16
CA ILE A 173 -7.28 -15.75 -25.80
C ILE A 173 -7.02 -16.02 -24.32
N GLN A 174 -8.02 -16.68 -23.73
CA GLN A 174 -7.96 -17.34 -22.43
C GLN A 174 -7.67 -16.34 -21.31
N PRO A 175 -8.56 -15.36 -21.10
CA PRO A 175 -8.53 -14.59 -19.83
C PRO A 175 -8.72 -15.55 -18.65
N THR A 176 -7.84 -15.41 -17.65
CA THR A 176 -7.73 -16.43 -16.59
C THR A 176 -8.56 -16.10 -15.35
N SER A 177 -8.75 -14.83 -15.09
CA SER A 177 -9.17 -14.41 -13.76
C SER A 177 -9.73 -13.00 -13.87
N LEU A 178 -10.45 -12.51 -12.85
CA LEU A 178 -11.16 -11.26 -12.95
C LEU A 178 -11.28 -10.64 -11.58
N VAL A 179 -10.92 -9.35 -11.48
CA VAL A 179 -11.14 -8.56 -10.27
C VAL A 179 -11.70 -7.19 -10.65
N MET A 180 -12.26 -6.49 -9.67
CA MET A 180 -12.77 -5.15 -9.85
C MET A 180 -12.09 -4.21 -8.85
N ASP A 181 -11.46 -3.15 -9.36
CA ASP A 181 -10.75 -2.20 -8.53
C ASP A 181 -11.70 -1.11 -8.00
N LYS A 182 -11.15 -0.22 -7.16
CA LYS A 182 -11.96 0.77 -6.45
C LYS A 182 -12.56 1.83 -7.37
N TYR A 183 -12.06 1.93 -8.61
CA TYR A 183 -12.57 2.86 -9.60
C TYR A 183 -13.61 2.17 -10.49
N ASN A 184 -14.02 0.96 -10.13
CA ASN A 184 -14.95 0.15 -10.94
C ASN A 184 -14.37 -0.14 -12.33
N LYS A 185 -13.06 -0.39 -12.34
CA LYS A 185 -12.37 -0.95 -13.49
C LYS A 185 -12.07 -2.42 -13.20
N MET A 186 -12.42 -3.28 -14.18
CA MET A 186 -12.09 -4.69 -14.09
C MET A 186 -10.67 -4.90 -14.59
N TRP A 187 -10.01 -5.87 -13.98
CA TRP A 187 -8.73 -6.34 -14.50
C TRP A 187 -8.83 -7.81 -14.82
N THR A 188 -8.21 -8.20 -15.95
CA THR A 188 -8.09 -9.60 -16.30
C THR A 188 -6.74 -9.81 -16.96
N ILE A 189 -6.15 -10.97 -16.81
CA ILE A 189 -4.89 -11.32 -17.44
C ILE A 189 -5.10 -12.62 -18.18
N THR A 190 -4.66 -12.64 -19.46
CA THR A 190 -4.76 -13.84 -20.28
C THR A 190 -3.53 -14.73 -20.09
N ASP A 191 -3.64 -16.05 -20.44
CA ASP A 191 -2.51 -16.93 -20.30
C ASP A 191 -1.80 -17.17 -21.66
N GLY A 192 -2.41 -16.69 -22.73
CA GLY A 192 -1.81 -16.82 -24.05
C GLY A 192 -1.90 -18.20 -24.67
N GLY A 193 -2.68 -19.12 -24.09
CA GLY A 193 -2.73 -20.47 -24.61
C GLY A 193 -1.42 -21.21 -24.42
N TYR A 194 -1.13 -22.17 -25.30
CA TYR A 194 0.00 -23.05 -25.08
C TYR A 194 0.44 -23.62 -26.42
N GLU A 195 1.71 -24.03 -26.49
CA GLU A 195 2.26 -24.59 -27.73
C GLU A 195 1.52 -25.87 -28.08
N GLY A 196 1.00 -25.95 -29.31
CA GLY A 196 0.23 -27.10 -29.77
C GLY A 196 -1.27 -26.99 -29.45
N SER A 197 -1.69 -25.92 -28.80
CA SER A 197 -3.12 -25.72 -28.56
C SER A 197 -3.91 -25.76 -29.86
N PRO A 198 -5.08 -26.43 -29.88
CA PRO A 198 -5.98 -26.35 -31.03
C PRO A 198 -6.62 -24.97 -31.19
N TYR A 199 -6.61 -24.16 -30.11
CA TYR A 199 -7.28 -22.88 -30.14
C TYR A 199 -6.30 -21.74 -30.46
N GLY A 200 -5.12 -21.73 -29.84
CA GLY A 200 -4.21 -20.64 -30.05
C GLY A 200 -3.06 -20.60 -29.08
N TYR A 201 -2.02 -19.87 -29.49
CA TYR A 201 -0.86 -19.58 -28.69
C TYR A 201 -0.38 -18.20 -29.09
N GLU A 202 -0.28 -17.29 -28.12
CA GLU A 202 0.06 -15.91 -28.41
C GLU A 202 0.67 -15.24 -27.17
N ALA A 203 1.25 -14.06 -27.40
CA ALA A 203 1.68 -13.20 -26.30
C ALA A 203 0.44 -12.82 -25.52
N PRO A 204 0.46 -12.98 -24.19
CA PRO A 204 -0.68 -12.69 -23.34
C PRO A 204 -0.71 -11.23 -22.93
N SER A 205 -1.82 -10.78 -22.34
CA SER A 205 -2.01 -9.37 -21.99
C SER A 205 -2.75 -9.24 -20.66
N LEU A 206 -2.46 -8.12 -20.00
CA LEU A 206 -3.21 -7.61 -18.86
C LEU A 206 -4.09 -6.46 -19.34
N TYR A 207 -5.39 -6.54 -19.03
CA TYR A 207 -6.33 -5.51 -19.45
C TYR A 207 -7.01 -4.83 -18.27
N ARG A 208 -7.24 -3.53 -18.43
CA ARG A 208 -8.10 -2.74 -17.57
C ARG A 208 -9.34 -2.42 -18.39
N ILE A 209 -10.51 -2.78 -17.86
CA ILE A 209 -11.77 -2.66 -18.59
C ILE A 209 -12.76 -1.84 -17.76
N ASP A 210 -13.33 -0.78 -18.31
CA ASP A 210 -14.32 0.01 -17.59
C ASP A 210 -15.59 -0.81 -17.41
N ALA A 211 -16.08 -0.92 -16.17
CA ALA A 211 -17.30 -1.70 -15.92
C ALA A 211 -18.56 -0.99 -16.44
N GLU A 212 -18.59 0.34 -16.34
CA GLU A 212 -19.79 1.07 -16.71
C GLU A 212 -20.09 0.90 -18.20
N THR A 213 -19.07 1.09 -19.04
CA THR A 213 -19.23 1.11 -20.49
C THR A 213 -18.77 -0.19 -21.14
N PHE A 214 -18.17 -1.10 -20.35
CA PHE A 214 -17.65 -2.36 -20.83
C PHE A 214 -16.69 -2.18 -22.01
N THR A 215 -15.70 -1.31 -21.82
CA THR A 215 -14.72 -1.02 -22.85
C THR A 215 -13.31 -1.13 -22.29
N VAL A 216 -12.41 -1.62 -23.12
CA VAL A 216 -11.00 -1.71 -22.76
C VAL A 216 -10.42 -0.30 -22.70
N GLU A 217 -9.74 -0.03 -21.59
CA GLU A 217 -9.03 1.21 -21.38
C GLU A 217 -7.52 1.03 -21.48
N LYS A 218 -6.98 -0.09 -20.98
CA LYS A 218 -5.55 -0.35 -21.05
C LYS A 218 -5.34 -1.79 -21.45
N GLN A 219 -4.29 -2.00 -22.26
CA GLN A 219 -3.82 -3.35 -22.56
C GLN A 219 -2.30 -3.33 -22.46
N PHE A 220 -1.75 -4.16 -21.57
CA PHE A 220 -0.33 -4.32 -21.40
C PHE A 220 0.04 -5.72 -21.89
N LYS A 221 0.76 -5.78 -23.01
CA LYS A 221 1.08 -7.03 -23.68
C LYS A 221 2.45 -7.52 -23.21
N PHE A 222 2.56 -8.82 -22.95
CA PHE A 222 3.78 -9.44 -22.46
C PHE A 222 4.43 -10.22 -23.59
N LYS A 223 5.09 -11.34 -23.26
CA LYS A 223 5.94 -12.02 -24.23
C LYS A 223 5.37 -13.37 -24.62
N LEU A 224 5.53 -13.73 -25.90
CA LEU A 224 5.20 -15.09 -26.32
C LEU A 224 6.00 -16.06 -25.46
N GLY A 225 5.27 -17.03 -24.91
CA GLY A 225 5.83 -18.02 -24.00
C GLY A 225 5.45 -17.79 -22.56
N ASP A 226 5.17 -16.53 -22.21
CA ASP A 226 4.64 -16.25 -20.90
C ASP A 226 3.29 -16.98 -20.72
N TRP A 227 3.03 -17.44 -19.50
CA TRP A 227 1.80 -18.13 -19.16
C TRP A 227 1.29 -17.55 -17.84
N PRO A 228 0.87 -16.28 -17.84
CA PRO A 228 0.42 -15.60 -16.63
C PRO A 228 -0.95 -16.03 -16.13
N SER A 229 -1.26 -15.61 -14.89
CA SER A 229 -2.53 -15.93 -14.28
C SER A 229 -2.77 -15.03 -13.05
N GLU A 230 -3.99 -15.19 -12.51
CA GLU A 230 -4.32 -14.91 -11.13
CA GLU A 230 -4.31 -14.92 -11.12
C GLU A 230 -4.15 -13.43 -10.75
N VAL A 231 -4.94 -12.57 -11.38
CA VAL A 231 -5.09 -11.22 -10.86
C VAL A 231 -5.71 -11.27 -9.46
N GLN A 232 -5.17 -10.41 -8.60
CA GLN A 232 -5.61 -10.29 -7.21
C GLN A 232 -5.48 -8.85 -6.76
N LEU A 233 -6.34 -8.43 -5.82
CA LEU A 233 -6.29 -7.07 -5.30
C LEU A 233 -6.04 -7.10 -3.81
N ASN A 234 -5.45 -6.00 -3.32
CA ASN A 234 -5.47 -5.70 -1.90
C ASN A 234 -6.87 -5.30 -1.46
N GLY A 235 -7.02 -5.14 -0.14
CA GLY A 235 -8.31 -4.90 0.50
C GLY A 235 -8.98 -3.59 0.04
N THR A 236 -8.16 -2.55 -0.17
CA THR A 236 -8.64 -1.26 -0.65
C THR A 236 -8.77 -1.23 -2.18
N ARG A 237 -8.40 -2.31 -2.85
CA ARG A 237 -8.66 -2.49 -4.28
C ARG A 237 -7.98 -1.41 -5.10
N ASP A 238 -6.75 -1.09 -4.73
CA ASP A 238 -5.98 -0.11 -5.46
C ASP A 238 -4.56 -0.56 -5.78
N THR A 239 -4.19 -1.80 -5.41
CA THR A 239 -2.93 -2.38 -5.84
C THR A 239 -3.26 -3.76 -6.41
N LEU A 240 -2.85 -3.94 -7.66
CA LEU A 240 -3.07 -5.18 -8.38
C LEU A 240 -1.81 -6.05 -8.33
N TYR A 241 -2.02 -7.35 -8.08
CA TYR A 241 -0.98 -8.37 -8.08
C TYR A 241 -1.33 -9.41 -9.16
N TRP A 242 -0.30 -10.03 -9.75
CA TRP A 242 -0.53 -11.15 -10.68
C TRP A 242 0.72 -12.02 -10.75
N ILE A 243 0.56 -13.20 -11.37
CA ILE A 243 1.65 -14.13 -11.59
C ILE A 243 2.08 -14.05 -13.06
N ASN A 244 3.38 -13.82 -13.27
CA ASN A 244 3.97 -14.02 -14.61
C ASN A 244 5.43 -14.40 -14.39
N ASN A 245 5.64 -15.69 -14.08
CA ASN A 245 6.89 -16.23 -13.55
C ASN A 245 7.13 -15.71 -12.13
N ASP A 246 7.45 -14.41 -12.05
CA ASP A 246 7.53 -13.67 -10.81
C ASP A 246 6.12 -13.32 -10.33
N ILE A 247 6.05 -12.84 -9.08
CA ILE A 247 4.86 -12.12 -8.60
C ILE A 247 5.08 -10.64 -8.84
N TRP A 248 4.13 -10.02 -9.56
CA TRP A 248 4.18 -8.61 -9.93
C TRP A 248 3.08 -7.86 -9.20
N ARG A 249 3.30 -6.56 -9.00
CA ARG A 249 2.25 -5.71 -8.51
C ARG A 249 2.42 -4.30 -9.05
N MET A 250 1.31 -3.61 -9.16
CA MET A 250 1.37 -2.21 -9.56
C MET A 250 0.14 -1.47 -9.03
N PRO A 251 0.24 -0.14 -8.88
CA PRO A 251 -0.93 0.65 -8.56
C PRO A 251 -1.94 0.58 -9.69
N VAL A 252 -3.22 0.54 -9.37
CA VAL A 252 -4.25 0.39 -10.39
C VAL A 252 -4.36 1.66 -11.25
N GLU A 253 -3.76 2.77 -10.84
CA GLU A 253 -3.75 3.99 -11.62
C GLU A 253 -2.61 4.01 -12.65
N ALA A 254 -1.74 3.00 -12.65
CA ALA A 254 -0.51 3.01 -13.44
C ALA A 254 -0.76 3.07 -14.94
N ASP A 255 0.16 3.75 -15.64
CA ASP A 255 0.18 3.81 -17.08
C ASP A 255 1.36 3.00 -17.62
N ARG A 256 2.16 2.40 -16.73
CA ARG A 256 3.25 1.55 -17.14
C ARG A 256 3.32 0.37 -16.19
N VAL A 257 3.81 -0.78 -16.66
CA VAL A 257 3.98 -1.96 -15.85
C VAL A 257 5.28 -1.83 -15.08
N PRO A 258 5.42 -2.56 -13.97
CA PRO A 258 6.60 -2.44 -13.14
C PRO A 258 7.86 -3.04 -13.77
N VAL A 259 9.01 -2.52 -13.31
CA VAL A 259 10.29 -3.05 -13.75
C VAL A 259 10.81 -4.06 -12.75
N ARG A 260 10.40 -3.95 -11.48
CA ARG A 260 10.86 -4.85 -10.43
C ARG A 260 9.67 -5.64 -9.92
N PRO A 261 9.79 -6.96 -9.73
CA PRO A 261 8.69 -7.75 -9.19
C PRO A 261 8.59 -7.65 -7.68
N PHE A 262 7.41 -7.99 -7.17
CA PHE A 262 7.24 -8.13 -5.73
C PHE A 262 8.07 -9.31 -5.21
N LEU A 263 8.03 -10.43 -5.94
CA LEU A 263 8.79 -11.62 -5.61
C LEU A 263 9.35 -12.22 -6.89
N GLU A 264 10.68 -12.31 -6.97
CA GLU A 264 11.35 -12.84 -8.13
C GLU A 264 11.07 -14.34 -8.30
N PHE A 265 10.82 -14.74 -9.55
CA PHE A 265 10.89 -16.11 -10.02
C PHE A 265 12.11 -16.83 -9.46
N ARG A 266 11.91 -18.11 -9.05
CA ARG A 266 13.00 -18.89 -8.48
C ARG A 266 13.03 -20.30 -9.09
N ASP A 267 12.59 -20.44 -10.34
CA ASP A 267 12.54 -21.71 -11.07
C ASP A 267 11.69 -22.73 -10.32
N THR A 268 10.61 -22.24 -9.71
CA THR A 268 9.57 -23.09 -9.16
C THR A 268 8.26 -22.81 -9.91
N LYS A 269 7.12 -22.88 -9.22
CA LYS A 269 5.82 -22.77 -9.87
C LYS A 269 4.87 -21.98 -8.99
N TYR A 270 5.05 -20.67 -8.92
CA TYR A 270 4.10 -19.82 -8.23
C TYR A 270 2.74 -20.01 -8.91
N TYR A 271 1.71 -20.35 -8.12
CA TYR A 271 0.49 -20.89 -8.67
C TYR A 271 -0.78 -20.28 -8.07
N GLY A 272 -0.75 -19.91 -6.79
CA GLY A 272 -1.87 -19.30 -6.11
C GLY A 272 -1.42 -18.03 -5.41
N LEU A 273 -2.36 -17.12 -5.15
CA LEU A 273 -2.00 -15.79 -4.67
C LEU A 273 -3.18 -15.18 -3.95
N THR A 274 -2.90 -14.54 -2.81
CA THR A 274 -3.90 -13.74 -2.12
C THR A 274 -3.20 -12.61 -1.35
N VAL A 275 -4.00 -11.58 -1.05
CA VAL A 275 -3.60 -10.48 -0.22
C VAL A 275 -4.59 -10.43 0.95
N ASN A 276 -4.04 -10.38 2.18
CA ASN A 276 -4.85 -10.22 3.36
C ASN A 276 -5.58 -8.90 3.24
N PRO A 277 -6.93 -8.90 3.26
CA PRO A 277 -7.70 -7.68 2.99
C PRO A 277 -7.65 -6.64 4.10
N ASN A 278 -7.09 -7.02 5.26
CA ASN A 278 -7.00 -6.11 6.37
C ASN A 278 -5.58 -5.56 6.53
N ASN A 279 -4.53 -6.37 6.40
CA ASN A 279 -3.20 -5.89 6.74
C ASN A 279 -2.24 -5.88 5.54
N GLY A 280 -2.69 -6.33 4.36
CA GLY A 280 -1.91 -6.17 3.13
C GLY A 280 -0.82 -7.22 2.99
N GLU A 281 -0.73 -8.19 3.92
CA GLU A 281 0.26 -9.25 3.76
C GLU A 281 -0.08 -10.10 2.51
N VAL A 282 0.96 -10.59 1.83
CA VAL A 282 0.81 -11.27 0.56
C VAL A 282 1.21 -12.73 0.72
N TYR A 283 0.30 -13.62 0.32
CA TYR A 283 0.56 -15.08 0.41
C TYR A 283 0.72 -15.64 -1.01
N VAL A 284 1.83 -16.35 -1.24
CA VAL A 284 2.13 -16.93 -2.55
C VAL A 284 2.18 -18.45 -2.40
N ALA A 285 1.29 -19.14 -3.12
CA ALA A 285 1.30 -20.59 -3.06
C ALA A 285 2.15 -21.11 -4.22
N ASP A 286 3.18 -21.88 -3.87
CA ASP A 286 4.15 -22.40 -4.80
C ASP A 286 3.90 -23.89 -4.95
N ALA A 287 3.56 -24.31 -6.18
CA ALA A 287 3.33 -25.72 -6.49
C ALA A 287 4.64 -26.49 -6.67
N ILE A 288 5.78 -25.77 -6.72
CA ILE A 288 7.14 -26.27 -6.77
C ILE A 288 7.44 -26.91 -8.13
N ASP A 289 6.91 -28.11 -8.36
CA ASP A 289 7.07 -28.85 -9.60
C ASP A 289 5.80 -29.62 -9.98
N TYR A 290 4.68 -29.27 -9.33
CA TYR A 290 3.37 -29.90 -9.53
C TYR A 290 3.33 -31.33 -9.03
N GLN A 291 4.34 -31.77 -8.27
CA GLN A 291 4.36 -33.15 -7.79
C GLN A 291 4.55 -33.22 -6.27
N GLN A 292 5.58 -32.55 -5.77
CA GLN A 292 5.84 -32.62 -4.34
C GLN A 292 4.88 -31.72 -3.58
N GLN A 293 4.88 -31.90 -2.25
CA GLN A 293 4.15 -31.03 -1.36
C GLN A 293 4.46 -29.55 -1.64
N GLY A 294 3.44 -28.73 -1.82
CA GLY A 294 3.62 -27.31 -2.08
C GLY A 294 3.97 -26.53 -0.80
N ILE A 295 4.38 -25.29 -1.01
CA ILE A 295 4.75 -24.39 0.08
CA ILE A 295 4.71 -24.40 0.09
C ILE A 295 4.02 -23.06 -0.13
N VAL A 296 3.53 -22.47 0.96
CA VAL A 296 3.01 -21.12 0.93
C VAL A 296 4.05 -20.20 1.59
N TYR A 297 4.30 -19.08 0.92
CA TYR A 297 5.21 -18.03 1.46
C TYR A 297 4.38 -16.81 1.84
N ARG A 298 4.53 -16.31 3.07
CA ARG A 298 3.83 -15.16 3.60
C ARG A 298 4.79 -13.99 3.71
N TYR A 299 4.42 -12.88 3.05
CA TYR A 299 5.26 -11.70 2.93
C TYR A 299 4.56 -10.48 3.56
N SER A 300 5.40 -9.59 4.08
CA SER A 300 4.95 -8.28 4.50
C SER A 300 4.57 -7.48 3.26
N PRO A 301 3.86 -6.34 3.40
CA PRO A 301 3.62 -5.46 2.25
C PRO A 301 4.89 -4.98 1.55
N GLN A 302 6.06 -5.07 2.23
CA GLN A 302 7.30 -4.68 1.58
C GLN A 302 8.11 -5.85 1.03
N GLY A 303 7.54 -7.05 1.03
CA GLY A 303 8.17 -8.19 0.39
C GLY A 303 9.18 -8.92 1.28
N LYS A 304 9.10 -8.71 2.61
CA LYS A 304 9.93 -9.43 3.57
C LYS A 304 9.21 -10.70 4.00
N LEU A 305 9.91 -11.83 4.03
CA LEU A 305 9.29 -13.10 4.37
C LEU A 305 9.05 -13.18 5.87
N ILE A 306 7.77 -13.33 6.22
CA ILE A 306 7.33 -13.46 7.59
C ILE A 306 7.37 -14.92 8.00
N ASP A 307 6.90 -15.80 7.11
CA ASP A 307 6.72 -17.21 7.43
C ASP A 307 6.58 -17.98 6.13
N GLU A 308 6.84 -19.29 6.19
CA GLU A 308 6.52 -20.16 5.08
C GLU A 308 6.09 -21.51 5.66
N PHE A 309 5.21 -22.23 4.95
CA PHE A 309 4.66 -23.45 5.51
C PHE A 309 4.24 -24.40 4.38
N TYR A 310 4.46 -25.70 4.59
CA TYR A 310 4.02 -26.72 3.67
C TYR A 310 2.51 -26.92 3.75
N VAL A 311 1.92 -27.15 2.58
CA VAL A 311 0.50 -27.36 2.41
C VAL A 311 0.27 -28.71 1.72
N GLY A 312 -0.68 -28.76 0.79
CA GLY A 312 -0.91 -29.97 0.02
C GLY A 312 -0.26 -29.89 -1.35
N ILE A 313 -0.75 -30.69 -2.28
CA ILE A 313 -0.21 -30.76 -3.63
C ILE A 313 -0.95 -29.74 -4.50
N ILE A 314 -0.19 -28.92 -5.24
CA ILE A 314 -0.74 -27.89 -6.12
C ILE A 314 -1.74 -27.00 -5.39
N PRO A 315 -1.25 -26.27 -4.37
CA PRO A 315 -2.07 -25.23 -3.75
C PRO A 315 -2.43 -24.16 -4.76
N GLY A 316 -3.73 -23.90 -4.95
CA GLY A 316 -4.18 -23.00 -6.00
C GLY A 316 -5.02 -21.80 -5.59
N ALA A 317 -5.59 -21.82 -4.37
CA ALA A 317 -6.53 -20.79 -3.99
C ALA A 317 -6.54 -20.66 -2.47
N PHE A 318 -7.01 -19.49 -2.08
CA PHE A 318 -7.12 -19.10 -0.68
C PHE A 318 -8.52 -18.64 -0.40
N CYS A 319 -8.86 -18.70 0.90
CA CYS A 319 -10.09 -18.12 1.40
C CYS A 319 -9.88 -17.61 2.83
N TRP A 320 -10.15 -16.32 3.02
CA TRP A 320 -9.96 -15.67 4.32
C TRP A 320 -11.16 -15.92 5.20
N LYS A 321 -10.85 -16.29 6.45
CA LYS A 321 -11.84 -16.38 7.49
C LYS A 321 -11.60 -15.20 8.42
N LEU A 322 -12.43 -14.18 8.31
CA LEU A 322 -12.18 -12.93 9.02
C LEU A 322 -13.11 -12.78 10.22
N ALA B 2 12.26 24.78 -14.05
CA ALA B 2 11.43 25.89 -13.50
C ALA B 2 10.95 25.53 -12.09
N SER B 3 10.40 26.55 -11.43
CA SER B 3 9.96 26.38 -10.05
C SER B 3 9.03 25.19 -9.97
N GLY B 4 9.17 24.40 -8.89
CA GLY B 4 8.30 23.29 -8.69
C GLY B 4 8.26 22.95 -7.20
N LEU B 5 7.30 22.09 -6.90
CA LEU B 5 7.08 21.68 -5.52
C LEU B 5 6.91 20.18 -5.45
N PHE B 6 7.77 19.51 -4.67
CA PHE B 6 7.57 18.11 -4.36
C PHE B 6 6.71 17.98 -3.11
N ILE B 7 5.81 16.99 -3.10
CA ILE B 7 5.02 16.65 -1.91
C ILE B 7 5.28 15.18 -1.65
N THR B 8 5.80 14.88 -0.45
CA THR B 8 5.91 13.50 -0.04
C THR B 8 4.59 13.07 0.60
N ASN B 9 4.20 11.84 0.32
CA ASN B 9 3.00 11.26 0.87
C ASN B 9 3.43 10.06 1.71
N GLU B 10 3.13 10.11 3.02
CA GLU B 10 3.60 9.04 3.88
C GLU B 10 2.93 7.70 3.55
N GLY B 11 1.72 7.78 2.99
CA GLY B 11 0.84 6.62 2.91
C GLY B 11 0.50 6.18 4.33
N ASN B 12 -0.09 5.00 4.42
CA ASN B 12 -0.47 4.42 5.69
C ASN B 12 0.67 3.55 6.21
N PHE B 13 1.14 3.90 7.41
CA PHE B 13 2.21 3.18 8.07
C PHE B 13 1.87 1.69 8.08
N GLN B 14 2.83 0.87 7.62
CA GLN B 14 2.79 -0.60 7.54
C GLN B 14 1.99 -1.11 6.33
N TYR B 15 1.68 -0.24 5.36
CA TYR B 15 0.96 -0.66 4.17
C TYR B 15 1.74 -0.43 2.86
N SER B 16 2.88 0.29 2.91
CA SER B 16 3.77 0.48 1.78
C SER B 16 3.02 1.12 0.61
N ASN B 17 2.34 2.23 0.88
CA ASN B 17 1.60 2.97 -0.13
C ASN B 17 2.01 4.45 -0.15
N ALA B 18 3.24 4.74 0.29
CA ALA B 18 3.81 6.08 0.14
C ALA B 18 3.98 6.40 -1.33
N THR B 19 3.88 7.69 -1.65
CA THR B 19 4.12 8.10 -3.05
C THR B 19 4.74 9.48 -3.03
N LEU B 20 5.23 9.90 -4.21
CA LEU B 20 5.74 11.24 -4.42
C LEU B 20 4.86 11.96 -5.44
N SER B 21 4.57 13.23 -5.16
CA SER B 21 3.83 14.12 -6.06
C SER B 21 4.72 15.30 -6.43
N TYR B 22 4.44 15.87 -7.61
CA TYR B 22 5.11 17.06 -8.05
C TYR B 22 4.07 18.03 -8.63
N TYR B 23 4.15 19.28 -8.15
CA TYR B 23 3.25 20.34 -8.55
C TYR B 23 4.02 21.48 -9.19
N ASP B 24 3.47 21.92 -10.35
CA ASP B 24 3.97 23.07 -11.07
C ASP B 24 3.07 24.28 -10.79
N PRO B 25 3.55 25.26 -9.99
CA PRO B 25 2.70 26.38 -9.62
C PRO B 25 2.41 27.33 -10.76
N ALA B 26 3.21 27.28 -11.84
CA ALA B 26 2.91 28.15 -12.99
C ALA B 26 1.68 27.66 -13.73
N THR B 27 1.53 26.34 -13.87
CA THR B 27 0.45 25.76 -14.66
C THR B 27 -0.68 25.27 -13.76
N CYS B 28 -0.47 25.22 -12.43
CA CYS B 28 -1.43 24.71 -11.46
C CYS B 28 -1.76 23.26 -11.78
N GLU B 29 -0.74 22.48 -12.16
CA GLU B 29 -0.94 21.07 -12.47
C GLU B 29 -0.10 20.22 -11.51
N VAL B 30 -0.73 19.15 -10.97
CA VAL B 30 -0.03 18.16 -10.16
C VAL B 30 0.14 16.88 -11.00
N GLU B 31 1.26 16.18 -10.75
CA GLU B 31 1.45 14.81 -11.17
C GLU B 31 1.66 13.98 -9.92
N ASN B 32 0.85 12.92 -9.82
CA ASN B 32 0.91 11.98 -8.71
C ASN B 32 1.67 10.71 -9.11
N GLU B 33 2.12 9.95 -8.10
CA GLU B 33 2.86 8.69 -8.27
C GLU B 33 4.08 8.86 -9.20
N VAL B 34 4.78 10.00 -9.06
CA VAL B 34 5.79 10.34 -10.04
C VAL B 34 7.01 9.44 -9.92
N PHE B 35 7.36 8.98 -8.73
CA PHE B 35 8.51 8.08 -8.57
C PHE B 35 8.24 6.77 -9.30
N TYR B 36 7.05 6.22 -9.14
CA TYR B 36 6.68 4.98 -9.86
C TYR B 36 6.68 5.28 -11.37
N ARG B 37 6.08 6.39 -11.75
CA ARG B 37 5.97 6.67 -13.21
C ARG B 37 7.38 6.66 -13.78
N ALA B 38 8.31 7.28 -13.11
CA ALA B 38 9.67 7.39 -13.67
C ALA B 38 10.54 6.16 -13.49
N ASN B 39 10.34 5.38 -12.43
CA ASN B 39 11.25 4.31 -12.11
C ASN B 39 10.65 2.91 -12.24
N GLY B 40 9.33 2.78 -12.25
CA GLY B 40 8.70 1.47 -12.38
C GLY B 40 8.79 0.62 -11.13
N PHE B 41 8.97 1.27 -9.96
CA PHE B 41 8.83 0.60 -8.69
C PHE B 41 8.53 1.70 -7.68
N LYS B 42 8.20 1.31 -6.46
CA LYS B 42 7.65 2.25 -5.49
C LYS B 42 8.66 2.59 -4.40
N LEU B 43 8.40 3.69 -3.67
CA LEU B 43 9.29 4.20 -2.64
C LEU B 43 9.31 3.29 -1.43
N GLY B 44 8.13 2.76 -1.08
CA GLY B 44 8.01 1.96 0.13
C GLY B 44 6.97 2.52 1.11
N ASP B 45 7.41 2.61 2.39
CA ASP B 45 6.52 2.85 3.51
C ASP B 45 6.98 4.07 4.30
N VAL B 46 6.11 5.09 4.35
CA VAL B 46 6.31 6.34 5.10
C VAL B 46 7.43 7.20 4.50
N ALA B 47 7.20 7.73 3.28
CA ALA B 47 8.03 8.81 2.77
C ALA B 47 7.88 10.02 3.70
N GLN B 48 8.97 10.43 4.35
CA GLN B 48 8.91 11.31 5.53
C GLN B 48 9.33 12.74 5.21
N SER B 49 10.34 12.87 4.32
CA SER B 49 10.90 14.19 4.06
C SER B 49 11.74 14.16 2.80
N MET B 50 12.10 15.35 2.32
CA MET B 50 12.93 15.44 1.12
C MET B 50 13.72 16.74 1.14
N VAL B 51 14.97 16.65 0.67
CA VAL B 51 15.85 17.79 0.51
C VAL B 51 16.45 17.76 -0.88
N ILE B 52 16.64 18.94 -1.48
CA ILE B 52 17.34 19.03 -2.76
C ILE B 52 18.68 19.73 -2.53
N ARG B 53 19.73 19.16 -3.12
CA ARG B 53 21.04 19.78 -3.13
C ARG B 53 21.71 19.48 -4.47
N ASP B 54 22.11 20.55 -5.15
CA ASP B 54 22.87 20.44 -6.38
C ASP B 54 22.23 19.45 -7.36
N GLY B 55 20.93 19.63 -7.63
CA GLY B 55 20.30 18.88 -8.70
C GLY B 55 19.79 17.50 -8.31
N ILE B 56 20.03 17.11 -7.05
CA ILE B 56 19.66 15.79 -6.58
C ILE B 56 18.65 15.97 -5.44
N GLY B 57 17.55 15.23 -5.52
CA GLY B 57 16.56 15.19 -4.44
C GLY B 57 16.80 13.94 -3.62
N TRP B 58 16.80 14.12 -2.30
CA TRP B 58 17.03 13.04 -1.35
C TRP B 58 15.71 12.82 -0.60
N ILE B 59 15.13 11.63 -0.80
CA ILE B 59 13.82 11.27 -0.27
C ILE B 59 14.01 10.25 0.83
N VAL B 60 13.61 10.62 2.06
CA VAL B 60 13.75 9.73 3.20
C VAL B 60 12.53 8.84 3.30
N VAL B 61 12.73 7.51 3.28
CA VAL B 61 11.62 6.58 3.38
C VAL B 61 11.76 5.84 4.71
N ASN B 62 11.04 6.44 5.65
CA ASN B 62 11.26 6.14 7.05
C ASN B 62 11.11 4.66 7.41
N ASN B 63 10.08 3.97 6.88
CA ASN B 63 9.89 2.59 7.28
C ASN B 63 10.33 1.61 6.19
N SER B 64 11.23 2.09 5.33
CA SER B 64 11.89 1.24 4.34
C SER B 64 13.41 1.29 4.44
N HIS B 65 13.96 1.92 5.49
CA HIS B 65 15.36 1.84 5.81
C HIS B 65 16.25 2.44 4.72
N VAL B 66 15.75 3.46 4.02
CA VAL B 66 16.42 3.87 2.78
C VAL B 66 16.20 5.36 2.55
N ILE B 67 17.21 5.97 1.92
CA ILE B 67 17.03 7.27 1.29
C ILE B 67 17.30 7.07 -0.19
N PHE B 68 16.37 7.53 -1.03
CA PHE B 68 16.60 7.53 -2.47
C PHE B 68 17.12 8.89 -2.91
N ALA B 69 18.07 8.86 -3.86
CA ALA B 69 18.51 10.08 -4.52
C ALA B 69 17.95 10.06 -5.93
N ILE B 70 17.24 11.14 -6.29
CA ILE B 70 16.64 11.24 -7.63
C ILE B 70 17.13 12.48 -8.32
N ASP B 71 17.19 12.36 -9.66
CA ASP B 71 17.35 13.54 -10.48
C ASP B 71 16.07 14.38 -10.38
N ILE B 72 16.20 15.68 -10.08
CA ILE B 72 15.04 16.49 -9.77
C ILE B 72 14.26 16.86 -11.02
N ASN B 73 14.87 16.67 -12.19
CA ASN B 73 14.21 16.97 -13.44
C ASN B 73 13.47 15.77 -14.04
N THR B 74 14.03 14.57 -13.88
CA THR B 74 13.46 13.39 -14.48
C THR B 74 12.78 12.47 -13.50
N PHE B 75 13.04 12.69 -12.19
CA PHE B 75 12.55 11.83 -11.12
C PHE B 75 13.20 10.44 -11.08
N LYS B 76 14.20 10.18 -11.91
CA LYS B 76 14.83 8.87 -11.93
C LYS B 76 15.79 8.73 -10.75
N GLU B 77 15.86 7.53 -10.20
CA GLU B 77 16.82 7.19 -9.17
C GLU B 77 18.23 7.26 -9.72
N VAL B 78 19.07 8.02 -9.01
CA VAL B 78 20.49 8.07 -9.32
C VAL B 78 21.32 7.31 -8.29
N GLY B 79 20.73 7.02 -7.13
CA GLY B 79 21.41 6.21 -6.15
C GLY B 79 20.51 6.06 -4.92
N ARG B 80 21.01 5.28 -3.96
CA ARG B 80 20.28 5.16 -2.71
C ARG B 80 21.29 4.80 -1.63
N ILE B 81 20.88 5.02 -0.38
CA ILE B 81 21.61 4.57 0.78
C ILE B 81 20.64 3.76 1.62
N THR B 82 21.07 2.56 2.00
CA THR B 82 20.27 1.63 2.80
C THR B 82 20.97 1.39 4.14
N GLY B 83 20.24 0.72 5.06
CA GLY B 83 20.85 0.29 6.31
C GLY B 83 20.35 1.11 7.49
N PHE B 84 19.57 2.17 7.24
CA PHE B 84 19.08 3.04 8.31
C PHE B 84 18.06 2.30 9.16
N THR B 85 18.10 2.56 10.49
CA THR B 85 17.10 1.96 11.34
C THR B 85 15.68 2.40 10.96
N SER B 86 15.47 3.72 10.92
CA SER B 86 14.15 4.28 10.68
C SER B 86 14.36 5.77 10.46
N PRO B 87 14.86 6.14 9.27
CA PRO B 87 15.36 7.49 9.09
C PRO B 87 14.28 8.57 9.00
N ARG B 88 14.68 9.81 9.31
CA ARG B 88 13.73 10.89 9.51
C ARG B 88 14.04 12.07 8.60
N TYR B 89 15.12 12.78 8.90
CA TYR B 89 15.57 13.96 8.14
C TYR B 89 17.05 13.88 7.80
N ILE B 90 17.42 14.55 6.69
CA ILE B 90 18.79 14.64 6.25
C ILE B 90 19.21 16.11 6.26
N HIS B 91 20.42 16.35 6.77
CA HIS B 91 20.99 17.68 6.85
C HIS B 91 22.43 17.58 6.36
N PHE B 92 22.71 18.36 5.32
CA PHE B 92 24.04 18.36 4.71
C PHE B 92 24.97 19.35 5.41
N LEU B 93 26.20 18.90 5.69
CA LEU B 93 27.23 19.77 6.20
C LEU B 93 28.22 20.14 5.12
N SER B 94 28.31 19.32 4.06
CA SER B 94 29.18 19.50 2.93
C SER B 94 28.71 18.53 1.86
N ASP B 95 29.40 18.55 0.71
CA ASP B 95 29.06 17.57 -0.35
C ASP B 95 29.36 16.14 0.10
N GLU B 96 30.28 15.97 1.05
CA GLU B 96 30.73 14.60 1.45
C GLU B 96 30.26 14.21 2.87
N LYS B 97 29.37 15.03 3.40
CA LYS B 97 28.93 14.74 4.80
C LYS B 97 27.52 15.24 5.10
N ALA B 98 26.68 14.32 5.58
CA ALA B 98 25.35 14.68 6.02
C ALA B 98 25.00 13.84 7.23
N TYR B 99 24.06 14.38 8.01
CA TYR B 99 23.48 13.64 9.11
C TYR B 99 22.09 13.15 8.75
N VAL B 100 21.73 11.94 9.21
CA VAL B 100 20.42 11.36 9.04
C VAL B 100 19.88 10.91 10.39
N THR B 101 18.84 11.62 10.81
CA THR B 101 18.25 11.33 12.12
C THR B 101 17.34 10.11 12.02
N GLN B 102 16.96 9.59 13.20
CA GLN B 102 16.32 8.28 13.28
C GLN B 102 15.29 8.25 14.40
N ILE B 103 14.29 7.41 14.22
CA ILE B 103 13.47 6.95 15.33
C ILE B 103 13.84 5.51 15.62
N TRP B 104 13.66 5.10 16.91
CA TRP B 104 13.98 3.75 17.36
C TRP B 104 15.47 3.46 17.24
N ASP B 105 16.27 4.52 17.47
CA ASP B 105 17.71 4.42 17.51
C ASP B 105 18.22 5.57 18.37
N TYR B 106 19.34 5.37 19.07
CA TYR B 106 19.94 6.43 19.84
C TYR B 106 21.09 7.09 19.10
N ARG B 107 21.26 6.69 17.82
CA ARG B 107 22.35 7.18 16.98
C ARG B 107 21.78 8.00 15.82
N ILE B 108 22.54 9.05 15.49
CA ILE B 108 22.35 9.77 14.24
C ILE B 108 23.38 9.19 13.29
N PHE B 109 22.93 8.86 12.07
CA PHE B 109 23.84 8.27 11.10
C PHE B 109 24.54 9.40 10.35
N ILE B 110 25.85 9.20 10.09
CA ILE B 110 26.61 10.10 9.26
C ILE B 110 26.80 9.39 7.92
N ILE B 111 26.60 10.12 6.82
CA ILE B 111 26.74 9.54 5.50
C ILE B 111 27.65 10.43 4.67
N ASN B 112 28.14 9.81 3.59
CA ASN B 112 28.82 10.50 2.51
C ASN B 112 27.90 10.44 1.30
N PRO B 113 27.21 11.57 0.99
CA PRO B 113 26.25 11.58 -0.11
C PRO B 113 26.89 11.31 -1.47
N LYS B 114 28.20 11.61 -1.60
CA LYS B 114 28.88 11.43 -2.86
C LYS B 114 29.11 9.94 -3.17
N THR B 115 29.35 9.14 -2.14
CA THR B 115 29.65 7.73 -2.28
C THR B 115 28.48 6.83 -1.90
N TYR B 116 27.40 7.42 -1.38
CA TYR B 116 26.21 6.67 -0.97
C TYR B 116 26.55 5.67 0.15
N GLU B 117 27.34 6.13 1.13
CA GLU B 117 27.78 5.25 2.21
C GLU B 117 27.46 5.86 3.58
N ILE B 118 27.22 4.94 4.53
CA ILE B 118 27.28 5.32 5.93
C ILE B 118 28.74 5.41 6.36
N THR B 119 29.12 6.50 7.03
CA THR B 119 30.52 6.77 7.35
C THR B 119 30.74 7.00 8.83
N GLY B 120 29.67 7.02 9.63
CA GLY B 120 29.86 7.13 11.07
C GLY B 120 28.51 7.17 11.78
N TYR B 121 28.61 7.37 13.10
CA TYR B 121 27.46 7.45 13.96
C TYR B 121 27.75 8.48 15.05
N ILE B 122 26.69 9.18 15.44
CA ILE B 122 26.73 10.05 16.61
C ILE B 122 25.84 9.44 17.65
N GLU B 123 26.41 9.12 18.80
CA GLU B 123 25.62 8.54 19.89
C GLU B 123 25.00 9.66 20.74
N CYS B 124 23.69 9.59 20.94
CA CYS B 124 23.01 10.57 21.73
C CYS B 124 23.03 10.13 23.18
N PRO B 125 23.23 11.08 24.13
CA PRO B 125 23.28 10.73 25.53
C PRO B 125 21.92 10.33 26.08
N ASP B 126 21.91 9.39 27.04
CA ASP B 126 20.69 9.06 27.77
C ASP B 126 19.56 8.70 26.82
N MET B 127 19.86 7.83 25.86
CA MET B 127 18.91 7.44 24.84
C MET B 127 19.17 6.00 24.45
N ASP B 128 18.12 5.23 24.15
CA ASP B 128 18.27 3.83 23.77
C ASP B 128 17.58 3.57 22.44
N MET B 129 17.65 2.32 21.95
CA MET B 129 16.99 1.95 20.71
C MET B 129 15.48 1.85 20.92
N GLU B 130 15.05 1.34 22.07
CA GLU B 130 13.64 1.07 22.32
C GLU B 130 12.78 2.32 22.19
N SER B 131 13.31 3.49 22.61
CA SER B 131 12.51 4.72 22.59
C SER B 131 13.27 5.91 22.00
N GLY B 132 14.37 5.65 21.28
CA GLY B 132 15.18 6.76 20.82
C GLY B 132 14.47 7.57 19.72
N SER B 133 14.81 8.85 19.62
CA SER B 133 14.29 9.71 18.58
C SER B 133 15.16 10.96 18.41
N THR B 134 15.63 11.14 17.16
CA THR B 134 16.15 12.41 16.70
C THR B 134 15.37 12.76 15.43
N GLU B 135 15.20 14.05 15.14
CA GLU B 135 14.16 14.46 14.19
C GLU B 135 14.72 15.59 13.31
N GLN B 136 14.24 16.83 13.42
CA GLN B 136 14.67 17.89 12.54
C GLN B 136 15.93 18.58 13.04
N MET B 137 16.64 19.23 12.13
CA MET B 137 17.95 19.81 12.39
C MET B 137 17.98 21.26 11.88
N VAL B 138 18.69 22.11 12.60
CA VAL B 138 19.10 23.42 12.10
C VAL B 138 20.59 23.62 12.37
N GLN B 139 21.24 24.48 11.59
CA GLN B 139 22.66 24.71 11.75
C GLN B 139 22.87 26.11 12.33
N TYR B 140 23.84 26.21 13.23
CA TYR B 140 24.25 27.49 13.81
C TYR B 140 25.78 27.48 13.89
N GLY B 141 26.41 28.08 12.89
CA GLY B 141 27.85 28.00 12.74
C GLY B 141 28.31 26.55 12.59
N LYS B 142 29.23 26.14 13.45
CA LYS B 142 29.74 24.78 13.43
C LYS B 142 28.82 23.82 14.18
N TYR B 143 27.73 24.32 14.77
CA TYR B 143 26.83 23.45 15.54
C TYR B 143 25.60 23.06 14.71
N VAL B 144 25.07 21.87 15.00
CA VAL B 144 23.74 21.47 14.59
C VAL B 144 22.92 21.29 15.87
N TYR B 145 21.73 21.90 15.86
CA TYR B 145 20.73 21.63 16.88
C TYR B 145 19.68 20.68 16.32
N VAL B 146 19.24 19.72 17.12
CA VAL B 146 18.34 18.69 16.69
C VAL B 146 17.28 18.46 17.75
N ASN B 147 16.00 18.39 17.36
CA ASN B 147 14.95 18.05 18.31
C ASN B 147 14.84 16.53 18.42
N CYS B 148 14.50 16.10 19.64
CA CYS B 148 14.27 14.69 19.93
C CYS B 148 12.79 14.56 20.19
N TRP B 149 12.07 13.81 19.34
CA TRP B 149 10.63 13.94 19.26
C TRP B 149 9.92 12.82 20.04
N SER B 150 9.96 11.60 19.53
CA SER B 150 9.12 10.53 20.03
C SER B 150 9.69 9.97 21.33
N TYR B 151 8.87 10.09 22.41
CA TYR B 151 9.28 9.67 23.75
C TYR B 151 10.55 10.38 24.20
N GLN B 152 10.73 11.64 23.81
CA GLN B 152 11.87 12.43 24.25
C GLN B 152 11.36 13.85 24.56
N ASN B 153 12.23 14.68 25.14
CA ASN B 153 11.83 16.00 25.59
C ASN B 153 13.01 16.96 25.54
N ARG B 154 13.88 16.79 24.52
CA ARG B 154 15.13 17.52 24.46
C ARG B 154 15.41 18.08 23.08
N ILE B 155 16.16 19.18 23.12
CA ILE B 155 16.98 19.62 21.99
C ILE B 155 18.43 19.28 22.30
N LEU B 156 19.17 18.71 21.34
CA LEU B 156 20.59 18.45 21.50
C LEU B 156 21.38 19.42 20.60
N LYS B 157 22.62 19.64 21.00
CA LYS B 157 23.60 20.47 20.32
C LYS B 157 24.77 19.57 19.96
N ILE B 158 25.08 19.54 18.65
CA ILE B 158 26.13 18.70 18.08
C ILE B 158 27.23 19.60 17.54
N ASP B 159 28.47 19.32 17.95
CA ASP B 159 29.65 19.93 17.34
C ASP B 159 29.94 19.14 16.07
N THR B 160 29.81 19.80 14.91
CA THR B 160 29.94 19.11 13.64
C THR B 160 31.41 18.89 13.28
N GLU B 161 32.36 19.49 14.03
CA GLU B 161 33.77 19.24 13.79
C GLU B 161 34.12 17.83 14.27
N THR B 162 33.68 17.52 15.48
CA THR B 162 34.01 16.27 16.14
C THR B 162 32.87 15.25 16.04
N ASP B 163 31.71 15.67 15.51
CA ASP B 163 30.52 14.82 15.43
C ASP B 163 30.15 14.27 16.80
N LYS B 164 30.04 15.19 17.78
CA LYS B 164 29.74 14.82 19.15
C LYS B 164 28.63 15.71 19.68
N VAL B 165 27.73 15.13 20.44
CA VAL B 165 26.77 15.89 21.23
C VAL B 165 27.51 16.57 22.38
N VAL B 166 27.38 17.90 22.47
CA VAL B 166 28.12 18.67 23.45
C VAL B 166 27.20 19.37 24.45
N ASP B 167 25.88 19.41 24.22
CA ASP B 167 24.97 20.05 25.16
C ASP B 167 23.58 19.57 24.86
N GLU B 168 22.68 19.83 25.79
CA GLU B 168 21.29 19.48 25.67
C GLU B 168 20.45 20.42 26.52
N LEU B 169 19.18 20.53 26.10
CA LEU B 169 18.18 21.38 26.75
C LEU B 169 16.89 20.59 26.88
N THR B 170 16.35 20.53 28.09
CA THR B 170 15.13 19.79 28.35
C THR B 170 13.98 20.79 28.32
N ILE B 171 12.93 20.43 27.59
CA ILE B 171 11.73 21.25 27.46
C ILE B 171 10.53 20.33 27.66
N GLY B 172 9.36 20.80 27.22
CA GLY B 172 8.15 20.00 27.23
C GLY B 172 8.29 18.72 26.42
N ILE B 173 7.39 17.75 26.63
CA ILE B 173 7.53 16.48 25.96
C ILE B 173 7.27 16.64 24.45
N GLN B 174 8.11 15.94 23.66
CA GLN B 174 7.92 15.64 22.25
C GLN B 174 7.91 16.93 21.43
N PRO B 175 9.03 17.69 21.45
CA PRO B 175 9.21 18.73 20.42
C PRO B 175 9.21 18.08 19.01
N THR B 176 8.41 18.65 18.11
CA THR B 176 8.09 17.98 16.85
C THR B 176 9.02 18.37 15.69
N SER B 177 9.51 19.59 15.72
CA SER B 177 10.04 20.22 14.53
C SER B 177 10.91 21.37 14.97
N LEU B 178 11.74 21.92 14.10
CA LEU B 178 12.72 22.89 14.50
C LEU B 178 13.05 23.79 13.32
N VAL B 179 13.01 25.11 13.54
CA VAL B 179 13.43 26.11 12.57
C VAL B 179 14.30 27.16 13.25
N MET B 180 15.02 27.94 12.46
CA MET B 180 15.87 29.02 12.93
C MET B 180 15.47 30.32 12.24
N ASP B 181 15.08 31.33 13.03
CA ASP B 181 14.66 32.61 12.50
C ASP B 181 15.87 33.52 12.22
N LYS B 182 15.59 34.69 11.63
CA LYS B 182 16.64 35.58 11.16
C LYS B 182 17.44 36.21 12.31
N TYR B 183 16.94 36.13 13.57
CA TYR B 183 17.65 36.65 14.72
C TYR B 183 18.43 35.53 15.41
N ASN B 184 18.56 34.38 14.74
CA ASN B 184 19.24 33.22 15.29
C ASN B 184 18.56 32.74 16.56
N LYS B 185 17.23 32.79 16.52
CA LYS B 185 16.40 32.16 17.53
C LYS B 185 15.75 30.93 16.92
N MET B 186 15.86 29.79 17.61
CA MET B 186 15.21 28.56 17.20
C MET B 186 13.78 28.58 17.69
N TRP B 187 12.92 27.96 16.93
CA TRP B 187 11.54 27.73 17.31
C TRP B 187 11.27 26.24 17.25
N THR B 188 10.54 25.74 18.25
CA THR B 188 10.07 24.36 18.23
C THR B 188 8.68 24.35 18.85
N ILE B 189 7.83 23.41 18.41
CA ILE B 189 6.51 23.24 18.97
C ILE B 189 6.37 21.79 19.38
N THR B 190 5.89 21.58 20.62
CA THR B 190 5.71 20.21 21.10
C THR B 190 4.31 19.72 20.73
N ASP B 191 4.10 18.38 20.77
CA ASP B 191 2.79 17.84 20.44
C ASP B 191 1.98 17.49 21.70
N GLY B 192 2.68 17.53 22.84
CA GLY B 192 2.03 17.26 24.11
C GLY B 192 1.77 15.79 24.38
N GLY B 193 2.30 14.86 23.57
CA GLY B 193 1.94 13.45 23.75
C GLY B 193 0.46 13.23 23.42
N TYR B 194 -0.12 12.21 24.05
CA TYR B 194 -1.49 11.82 23.78
C TYR B 194 -2.02 11.07 24.98
N GLU B 195 -3.35 11.08 25.16
CA GLU B 195 -3.99 10.45 26.31
C GLU B 195 -3.71 8.95 26.28
N GLY B 196 -3.15 8.42 27.38
CA GLY B 196 -2.78 7.02 27.44
C GLY B 196 -1.38 6.73 26.90
N SER B 197 -0.66 7.76 26.45
CA SER B 197 0.75 7.57 26.09
C SER B 197 1.51 6.93 27.22
N PRO B 198 2.43 6.00 26.94
CA PRO B 198 3.33 5.50 27.99
C PRO B 198 4.32 6.56 28.49
N TYR B 199 4.50 7.67 27.77
CA TYR B 199 5.53 8.64 28.08
C TYR B 199 4.93 9.84 28.80
N GLY B 200 3.86 10.42 28.23
CA GLY B 200 3.30 11.63 28.81
C GLY B 200 2.17 12.21 27.98
N TYR B 201 1.45 13.14 28.59
CA TYR B 201 0.33 13.80 27.98
C TYR B 201 0.18 15.12 28.71
N GLU B 202 0.29 16.23 27.98
CA GLU B 202 0.30 17.55 28.58
C GLU B 202 -0.13 18.59 27.58
N ALA B 203 -0.41 19.79 28.08
CA ALA B 203 -0.59 20.95 27.24
C ALA B 203 0.74 21.20 26.53
N PRO B 204 0.70 21.36 25.19
CA PRO B 204 1.93 21.59 24.44
C PRO B 204 2.30 23.06 24.42
N SER B 205 3.53 23.34 23.98
CA SER B 205 4.06 24.70 23.95
C SER B 205 4.84 24.95 22.65
N LEU B 206 4.86 26.23 22.26
CA LEU B 206 5.77 26.83 21.29
C LEU B 206 6.87 27.56 22.04
N TYR B 207 8.11 27.26 21.66
CA TYR B 207 9.28 27.85 22.33
C TYR B 207 10.18 28.64 21.39
N ARG B 208 10.67 29.75 21.88
CA ARG B 208 11.70 30.54 21.17
C ARG B 208 12.97 30.31 21.98
N ILE B 209 14.00 29.76 21.39
CA ILE B 209 15.27 29.43 22.09
C ILE B 209 16.43 30.18 21.44
N ASP B 210 17.22 30.89 22.23
CA ASP B 210 18.37 31.59 21.68
C ASP B 210 19.43 30.56 21.25
N ALA B 211 19.90 30.62 20.00
CA ALA B 211 20.92 29.67 19.54
C ALA B 211 22.29 29.90 20.20
N GLU B 212 22.63 31.18 20.42
CA GLU B 212 23.95 31.47 20.94
C GLU B 212 24.15 30.88 22.34
N THR B 213 23.18 31.10 23.23
CA THR B 213 23.30 30.74 24.64
C THR B 213 22.51 29.46 24.94
N PHE B 214 21.75 28.96 23.96
CA PHE B 214 20.94 27.75 24.14
C PHE B 214 20.01 27.89 25.35
N THR B 215 19.24 28.98 25.38
CA THR B 215 18.36 29.24 26.50
C THR B 215 16.97 29.60 26.00
N VAL B 216 15.95 29.16 26.75
CA VAL B 216 14.58 29.50 26.42
C VAL B 216 14.35 30.98 26.70
N GLU B 217 13.81 31.67 25.69
CA GLU B 217 13.41 33.06 25.82
C GLU B 217 11.89 33.23 25.91
N LYS B 218 11.12 32.41 25.16
CA LYS B 218 9.67 32.50 25.22
C LYS B 218 9.11 31.08 25.24
N GLN B 219 8.00 30.92 25.96
CA GLN B 219 7.21 29.71 25.97
C GLN B 219 5.76 30.15 25.93
N PHE B 220 5.08 29.74 24.86
CA PHE B 220 3.67 29.98 24.65
C PHE B 220 2.96 28.64 24.81
N LYS B 221 2.21 28.51 25.92
CA LYS B 221 1.57 27.24 26.25
C LYS B 221 0.15 27.23 25.68
N PHE B 222 -0.26 26.09 25.11
CA PHE B 222 -1.58 25.93 24.52
C PHE B 222 -2.45 25.09 25.45
N LYS B 223 -3.34 24.26 24.90
CA LYS B 223 -4.39 23.62 25.66
C LYS B 223 -4.15 22.12 25.72
N LEU B 224 -4.45 21.52 26.89
CA LEU B 224 -4.47 20.08 26.99
C LEU B 224 -5.42 19.54 25.94
N GLY B 225 -4.92 18.58 25.15
CA GLY B 225 -5.69 17.96 24.10
C GLY B 225 -5.24 18.44 22.72
N ASP B 226 -4.62 19.63 22.67
CA ASP B 226 -4.05 20.05 21.39
C ASP B 226 -2.89 19.12 21.04
N TRP B 227 -2.69 18.93 19.72
CA TRP B 227 -1.69 18.04 19.17
C TRP B 227 -1.03 18.76 18.00
N PRO B 228 -0.30 19.84 18.29
CA PRO B 228 0.31 20.68 17.28
C PRO B 228 1.55 20.05 16.64
N SER B 229 2.00 20.73 15.56
CA SER B 229 3.19 20.27 14.88
C SER B 229 3.65 21.29 13.84
N GLU B 230 4.79 20.88 13.15
CA GLU B 230 5.28 21.60 11.95
C GLU B 230 5.55 23.10 12.04
N VAL B 231 6.43 23.57 12.85
CA VAL B 231 6.90 24.93 12.68
C VAL B 231 7.53 25.06 11.29
N GLN B 232 7.26 26.21 10.69
CA GLN B 232 7.75 26.57 9.34
C GLN B 232 7.99 28.07 9.30
N LEU B 233 8.96 28.50 8.47
CA LEU B 233 9.23 29.92 8.29
C LEU B 233 9.03 30.34 6.85
N ASN B 234 8.76 31.63 6.69
CA ASN B 234 8.85 32.26 5.38
C ASN B 234 10.33 32.42 5.01
N GLY B 235 10.55 32.87 3.78
CA GLY B 235 11.88 32.93 3.22
C GLY B 235 12.85 33.89 3.91
N THR B 236 12.31 35.02 4.39
CA THR B 236 13.08 35.98 5.20
C THR B 236 13.18 35.56 6.67
N ARG B 237 12.53 34.46 7.06
CA ARG B 237 12.67 33.88 8.39
C ARG B 237 12.27 34.87 9.48
N ASP B 238 11.16 35.57 9.22
CA ASP B 238 10.63 36.48 10.21
C ASP B 238 9.14 36.32 10.45
N THR B 239 8.50 35.35 9.81
CA THR B 239 7.13 35.01 10.12
C THR B 239 7.08 33.49 10.28
N LEU B 240 6.59 33.09 11.45
CA LEU B 240 6.47 31.69 11.85
C LEU B 240 5.05 31.19 11.61
N TYR B 241 4.95 29.98 11.07
CA TYR B 241 3.70 29.27 10.84
C TYR B 241 3.75 27.94 11.59
N TRP B 242 2.58 27.43 12.00
CA TRP B 242 2.50 26.11 12.60
C TRP B 242 1.08 25.58 12.53
N ILE B 243 0.95 24.28 12.80
CA ILE B 243 -0.34 23.60 12.82
C ILE B 243 -0.78 23.44 14.28
N ASN B 244 -1.98 23.92 14.59
CA ASN B 244 -2.63 23.57 15.86
C ASN B 244 -4.14 23.61 15.63
N ASN B 245 -4.64 22.53 15.00
CA ASN B 245 -5.96 22.44 14.39
C ASN B 245 -6.07 23.35 13.18
N ASP B 246 -6.06 24.67 13.43
CA ASP B 246 -5.92 25.68 12.41
C ASP B 246 -4.46 25.78 11.98
N ILE B 247 -4.23 26.53 10.89
CA ILE B 247 -2.90 27.03 10.59
C ILE B 247 -2.76 28.42 11.17
N TRP B 248 -1.72 28.58 12.00
CA TRP B 248 -1.40 29.82 12.67
C TRP B 248 -0.14 30.45 12.14
N ARG B 249 -0.07 31.78 12.21
CA ARG B 249 1.18 32.46 11.96
C ARG B 249 1.35 33.67 12.87
N MET B 250 2.60 34.01 13.11
CA MET B 250 2.88 35.21 13.91
C MET B 250 4.26 35.75 13.56
N PRO B 251 4.47 37.07 13.75
CA PRO B 251 5.79 37.64 13.58
C PRO B 251 6.73 37.04 14.62
N VAL B 252 7.98 36.78 14.27
CA VAL B 252 8.91 36.14 15.18
C VAL B 252 9.33 37.09 16.31
N GLU B 253 9.04 38.39 16.16
CA GLU B 253 9.30 39.34 17.23
C GLU B 253 8.15 39.44 18.24
N ALA B 254 7.07 38.68 18.02
CA ALA B 254 5.85 38.84 18.81
C ALA B 254 6.06 38.46 20.28
N ASP B 255 5.32 39.15 21.16
CA ASP B 255 5.25 38.82 22.56
C ASP B 255 3.92 38.16 22.89
N ARG B 256 3.03 38.05 21.90
CA ARG B 256 1.74 37.43 22.13
C ARG B 256 1.42 36.54 20.94
N VAL B 257 0.70 35.43 21.17
CA VAL B 257 0.26 34.59 20.07
C VAL B 257 -0.94 35.22 19.39
N PRO B 258 -1.18 34.84 18.13
CA PRO B 258 -2.30 35.43 17.40
C PRO B 258 -3.68 35.03 17.89
N VAL B 259 -4.68 35.85 17.57
CA VAL B 259 -6.05 35.56 17.95
C VAL B 259 -6.81 34.99 16.77
N ARG B 260 -6.39 35.31 15.55
CA ARG B 260 -7.02 34.86 14.32
C ARG B 260 -6.04 33.97 13.57
N PRO B 261 -6.47 32.79 13.11
CA PRO B 261 -5.57 31.93 12.33
C PRO B 261 -5.44 32.35 10.87
N PHE B 262 -4.35 31.89 10.25
CA PHE B 262 -4.19 32.04 8.82
C PHE B 262 -5.26 31.25 8.06
N LEU B 263 -5.50 30.01 8.52
CA LEU B 263 -6.50 29.15 7.93
C LEU B 263 -7.22 28.42 9.04
N GLU B 264 -8.53 28.62 9.13
CA GLU B 264 -9.35 27.99 10.15
C GLU B 264 -9.43 26.48 9.91
N PHE B 265 -9.35 25.76 11.02
CA PHE B 265 -9.74 24.37 11.13
C PHE B 265 -11.07 24.12 10.44
N ARG B 266 -11.20 22.97 9.75
CA ARG B 266 -12.42 22.62 9.06
C ARG B 266 -12.82 21.17 9.31
N ASP B 267 -12.46 20.62 10.48
CA ASP B 267 -12.75 19.25 10.86
C ASP B 267 -12.14 18.25 9.88
N THR B 268 -10.95 18.57 9.40
CA THR B 268 -10.13 17.63 8.64
C THR B 268 -8.82 17.42 9.40
N LYS B 269 -7.71 17.27 8.69
CA LYS B 269 -6.44 16.89 9.27
C LYS B 269 -5.29 17.63 8.57
N TYR B 270 -5.16 18.92 8.86
CA TYR B 270 -4.00 19.65 8.37
C TYR B 270 -2.75 18.97 8.92
N TYR B 271 -1.82 18.58 8.02
CA TYR B 271 -0.76 17.66 8.40
C TYR B 271 0.61 18.08 7.91
N GLY B 272 0.68 18.72 6.73
CA GLY B 272 1.94 19.24 6.21
C GLY B 272 1.81 20.72 5.90
N LEU B 273 2.94 21.43 5.85
CA LEU B 273 2.90 22.88 5.74
C LEU B 273 4.22 23.35 5.15
N THR B 274 4.14 24.33 4.23
CA THR B 274 5.32 25.01 3.76
C THR B 274 4.96 26.42 3.31
N VAL B 275 6.00 27.27 3.26
CA VAL B 275 5.90 28.61 2.73
C VAL B 275 6.89 28.71 1.57
N ASN B 276 6.42 29.19 0.41
CA ASN B 276 7.31 29.41 -0.72
C ASN B 276 8.33 30.45 -0.29
N PRO B 277 9.64 30.15 -0.29
CA PRO B 277 10.65 31.08 0.20
C PRO B 277 10.86 32.33 -0.64
N ASN B 278 10.31 32.32 -1.86
CA ASN B 278 10.47 33.46 -2.74
C ASN B 278 9.24 34.36 -2.75
N ASN B 279 8.03 33.81 -2.81
CA ASN B 279 6.86 34.68 -2.97
C ASN B 279 5.89 34.64 -1.79
N GLY B 280 6.18 33.82 -0.78
CA GLY B 280 5.40 33.87 0.45
C GLY B 280 4.09 33.09 0.39
N GLU B 281 3.79 32.43 -0.73
CA GLU B 281 2.58 31.63 -0.79
C GLU B 281 2.66 30.44 0.16
N VAL B 282 1.51 30.06 0.73
CA VAL B 282 1.47 29.08 1.80
C VAL B 282 0.73 27.84 1.31
N TYR B 283 1.39 26.69 1.46
CA TYR B 283 0.79 25.40 1.03
C TYR B 283 0.46 24.56 2.27
N VAL B 284 -0.78 24.08 2.34
CA VAL B 284 -1.26 23.29 3.47
C VAL B 284 -1.66 21.92 2.95
N ALA B 285 -1.05 20.87 3.50
CA ALA B 285 -1.36 19.51 3.09
C ALA B 285 -2.35 18.96 4.09
N ASP B 286 -3.51 18.58 3.60
CA ASP B 286 -4.60 18.07 4.41
C ASP B 286 -4.71 16.56 4.18
N ALA B 287 -4.48 15.79 5.25
CA ALA B 287 -4.62 14.35 5.24
C ALA B 287 -6.08 13.88 5.28
N ILE B 288 -7.01 14.82 5.50
CA ILE B 288 -8.46 14.64 5.46
C ILE B 288 -8.93 13.77 6.63
N ASP B 289 -8.71 12.47 6.52
CA ASP B 289 -9.08 11.48 7.53
C ASP B 289 -8.03 10.38 7.66
N TYR B 290 -6.85 10.59 7.07
CA TYR B 290 -5.72 9.69 7.04
C TYR B 290 -6.00 8.44 6.18
N GLN B 291 -7.09 8.44 5.41
CA GLN B 291 -7.44 7.27 4.60
C GLN B 291 -7.61 7.62 3.12
N GLN B 292 -8.43 8.65 2.84
CA GLN B 292 -8.67 9.08 1.49
C GLN B 292 -7.43 9.75 0.89
N GLN B 293 -7.46 9.96 -0.43
CA GLN B 293 -6.52 10.82 -1.11
C GLN B 293 -6.48 12.21 -0.45
N GLY B 294 -5.27 12.69 -0.12
CA GLY B 294 -5.12 13.98 0.50
C GLY B 294 -5.25 15.13 -0.50
N ILE B 295 -5.39 16.33 0.02
CA ILE B 295 -5.49 17.53 -0.78
C ILE B 295 -4.50 18.57 -0.29
N VAL B 296 -3.87 19.29 -1.19
CA VAL B 296 -3.05 20.44 -0.87
C VAL B 296 -3.78 21.70 -1.29
N TYR B 297 -3.80 22.66 -0.34
CA TYR B 297 -4.39 23.99 -0.60
C TYR B 297 -3.26 25.02 -0.70
N ARG B 298 -3.27 25.84 -1.75
CA ARG B 298 -2.30 26.87 -2.01
C ARG B 298 -2.92 28.25 -1.81
N TYR B 299 -2.36 29.02 -0.87
CA TYR B 299 -2.86 30.32 -0.48
C TYR B 299 -1.88 31.44 -0.81
N SER B 300 -2.46 32.61 -1.10
CA SER B 300 -1.69 33.84 -1.15
C SER B 300 -1.18 34.20 0.24
N PRO B 301 -0.22 35.14 0.35
CA PRO B 301 0.20 35.64 1.66
C PRO B 301 -0.93 36.24 2.48
N GLN B 302 -2.08 36.56 1.85
CA GLN B 302 -3.21 37.10 2.63
C GLN B 302 -4.32 36.06 2.85
N GLY B 303 -4.02 34.79 2.60
CA GLY B 303 -4.94 33.72 2.95
C GLY B 303 -6.03 33.47 1.91
N LYS B 304 -5.86 33.95 0.66
CA LYS B 304 -6.83 33.70 -0.39
C LYS B 304 -6.42 32.45 -1.17
N LEU B 305 -7.39 31.55 -1.41
CA LEU B 305 -7.06 30.31 -2.09
C LEU B 305 -6.79 30.56 -3.58
N ILE B 306 -5.57 30.19 -4.00
CA ILE B 306 -5.13 30.28 -5.38
C ILE B 306 -5.52 29.01 -6.10
N ASP B 307 -5.31 27.85 -5.46
CA ASP B 307 -5.48 26.56 -6.12
C ASP B 307 -5.57 25.49 -5.07
N GLU B 308 -6.10 24.33 -5.48
CA GLU B 308 -6.06 23.18 -4.61
C GLU B 308 -5.95 21.95 -5.51
N PHE B 309 -5.32 20.88 -4.99
CA PHE B 309 -5.05 19.74 -5.83
C PHE B 309 -4.89 18.47 -4.98
N TYR B 310 -5.36 17.36 -5.52
CA TYR B 310 -5.23 16.06 -4.88
C TYR B 310 -3.80 15.54 -5.03
N VAL B 311 -3.33 14.89 -3.96
CA VAL B 311 -2.00 14.32 -3.92
C VAL B 311 -2.10 12.83 -3.58
N GLY B 312 -1.19 12.31 -2.74
CA GLY B 312 -1.28 10.93 -2.29
C GLY B 312 -1.94 10.84 -0.92
N ILE B 313 -1.68 9.73 -0.24
CA ILE B 313 -2.26 9.45 1.06
C ILE B 313 -1.33 10.01 2.14
N ILE B 314 -1.93 10.74 3.12
CA ILE B 314 -1.18 11.38 4.18
C ILE B 314 0.03 12.16 3.68
N PRO B 315 -0.22 13.23 2.89
CA PRO B 315 0.86 14.15 2.53
C PRO B 315 1.39 14.83 3.80
N GLY B 316 2.72 14.73 4.01
CA GLY B 316 3.32 15.21 5.26
C GLY B 316 4.42 16.26 5.12
N ALA B 317 5.03 16.36 3.94
CA ALA B 317 6.17 17.24 3.78
C ALA B 317 6.29 17.69 2.33
N PHE B 318 7.02 18.80 2.22
CA PHE B 318 7.24 19.49 0.97
C PHE B 318 8.73 19.70 0.78
N CYS B 319 9.09 19.86 -0.50
CA CYS B 319 10.44 20.25 -0.84
C CYS B 319 10.41 21.11 -2.10
N TRP B 320 10.95 22.31 -1.95
CA TRP B 320 10.93 23.31 -3.01
C TRP B 320 12.06 23.03 -4.00
N LYS B 321 11.70 23.08 -5.29
CA LYS B 321 12.68 23.05 -6.36
C LYS B 321 12.72 24.45 -6.96
N LEU B 322 13.62 25.29 -6.47
CA LEU B 322 13.66 26.73 -6.74
C LEU B 322 15.13 27.13 -6.91
NA NA C . -6.51 -21.05 -8.82
NA NA D . -12.78 -25.40 -22.46
NA NA E . -13.94 -22.57 -16.88
NA NA F . -6.87 -34.03 -7.07
NA NA G . -3.89 -14.22 -24.66
NA NA H . -20.15 -22.43 -18.43
NA NA I . -1.32 -31.50 -21.67
NA NA J . -9.12 -13.15 -8.67
NA NA K . 1.18 -19.09 -22.92
S SCN L . 5.15 -1.62 -7.86
C SCN L . 3.76 -1.41 -6.97
N SCN L . 2.70 -1.34 -6.34
S SCN M . -33.51 -26.31 -11.90
C SCN M . -33.46 -26.01 -13.42
N SCN M . -33.47 -25.75 -14.52
S SCN N . -24.54 -26.53 -27.82
C SCN N . -23.56 -27.63 -27.20
N SCN N . -22.85 -28.48 -26.81
S SCN O . -27.12 -32.59 -0.83
C SCN O . -27.98 -31.84 -1.86
N SCN O . -28.67 -31.31 -2.51
S SCN P . 3.21 -20.69 -22.71
C SCN P . 3.07 -22.01 -21.85
N SCN P . 2.94 -22.95 -21.20
S SCN Q . -9.57 -14.77 -1.48
C SCN Q . -8.38 -14.60 -2.51
N SCN Q . -7.43 -14.43 -3.05
S SCN R . -11.12 -27.03 -29.11
C SCN R . -11.14 -25.53 -29.59
N SCN R . -11.37 -24.39 -29.73
C1 GOL S . -16.43 -14.78 -5.16
O1 GOL S . -17.81 -15.08 -5.10
C2 GOL S . -15.99 -14.53 -6.59
O2 GOL S . -16.95 -13.73 -7.25
C3 GOL S . -15.76 -15.81 -7.40
O3 GOL S . -15.28 -15.58 -8.73
C1 GOL T . -14.25 -37.55 -13.11
O1 GOL T . -14.86 -36.37 -13.62
C2 GOL T . -15.15 -38.26 -12.13
O2 GOL T . -15.69 -37.31 -11.23
C3 GOL T . -16.27 -39.02 -12.78
O3 GOL T . -17.34 -38.14 -13.12
C1 GOL U . -10.26 -24.41 13.56
O1 GOL U . -9.23 -25.16 14.22
C2 GOL U . -11.20 -23.65 14.48
O2 GOL U . -11.53 -24.38 15.68
C3 GOL U . -10.74 -22.26 14.82
O3 GOL U . -11.62 -21.64 15.76
C1 GOL V . 6.60 -6.88 -15.97
O1 GOL V . 6.15 -5.59 -15.55
C2 GOL V . 5.50 -7.63 -16.71
O2 GOL V . 6.00 -8.12 -17.95
C3 GOL V . 4.97 -8.81 -15.95
O3 GOL V . 3.75 -9.31 -16.49
C1 GOL W . -5.27 -4.50 2.96
O1 GOL W . -5.04 -5.33 1.83
C2 GOL W . -5.09 -3.02 2.72
O2 GOL W . -5.21 -2.71 1.34
C3 GOL W . -6.04 -2.18 3.55
O3 GOL W . -5.49 -1.79 4.81
C1 GOL X . -5.96 -22.58 -14.12
O1 GOL X . -5.07 -23.24 -13.22
C2 GOL X . -6.47 -21.26 -13.58
O2 GOL X . -5.55 -20.70 -12.63
C3 GOL X . -6.70 -20.23 -14.65
O3 GOL X . -5.48 -19.55 -14.94
C1 GOL Y . -7.80 -18.02 -31.80
O1 GOL Y . -6.73 -18.43 -32.63
C2 GOL Y . -8.99 -17.59 -32.61
O2 GOL Y . -10.04 -18.56 -32.52
C3 GOL Y . -9.50 -16.23 -32.22
O3 GOL Y . -8.97 -15.28 -33.14
C ACT Z . -8.55 -33.59 1.88
O ACT Z . -9.81 -33.32 0.83
OXT ACT Z . -7.57 -34.66 2.04
CH3 ACT Z . -8.24 -32.50 3.22
C ACT AA . -30.35 -26.49 -20.52
O ACT AA . -30.10 -26.70 -21.75
OXT ACT AA . -30.14 -27.32 -19.60
CH3 ACT AA . -30.97 -25.14 -20.11
CO I2A BA . -3.73 -27.96 -17.72
C20 I2A BA . -4.89 -30.29 -15.38
C25 I2A BA . -9.63 -29.36 -15.23
C26 I2A BA . -10.70 -30.29 -15.66
C27 I2A BA . -8.44 -27.06 -18.09
C30 I2A BA . -6.39 -24.58 -21.83
C31 I2A BA . -5.86 -28.90 -21.99
C32 I2A BA . -4.67 -29.66 -22.64
C35 I2A BA . -0.17 -27.69 -21.71
C36 I2A BA . 0.89 -29.00 -19.40
C37 I2A BA . 2.27 -29.02 -20.12
C38 I2A BA . 3.25 -28.85 -18.99
C41 I2A BA . -0.18 -29.15 -13.75
C42 I2A BA . -0.08 -30.49 -14.51
C43 I2A BA . 1.24 -31.18 -14.25
C10 I2A BA . -2.99 -27.46 -20.88
C11 I2A BA . -1.99 -27.50 -19.94
C12 I2A BA . -0.70 -27.09 -20.45
C46 I2A BA . 2.41 -32.80 -12.93
C47 I2A BA . 2.58 -34.07 -13.76
C13 I2A BA . 0.17 -27.64 -19.28
C48 I2A BA . 3.85 -34.83 -13.47
C49 I2A BA . -1.62 -33.16 -18.45
C50 I2A BA . -1.62 -33.82 -17.05
C14 I2A BA . -0.88 -27.74 -18.18
C15 I2A BA . -0.53 -27.86 -16.73
C53 I2A BA . 1.90 -33.17 -18.04
C16 I2A BA . -1.49 -28.13 -15.76
C17 I2A BA . -1.32 -28.22 -14.20
C54 I2A BA . -2.40 -30.77 -18.12
C55 I2A BA . -5.92 -30.84 -18.97
C56 I2A BA . -6.66 -31.91 -19.45
C57 I2A BA . -5.97 -33.23 -19.62
C18 I2A BA . -2.70 -28.81 -13.88
C60 I2A BA . -4.55 -31.00 -18.67
C61 I2A BA . -8.14 -31.74 -19.70
C19 I2A BA . -3.61 -28.33 -14.94
P I2A BA . 0.72 -35.56 -14.79
N01 I2A BA . -5.25 -28.26 -16.66
N02 I2A BA . -4.86 -27.75 -19.25
N03 I2A BA . -2.07 -27.72 -18.65
N04 I2A BA . -2.81 -28.00 -16.07
N05 I2A BA . -8.41 -26.09 -13.80
N06 I2A BA . -10.65 -30.73 -16.93
N07 I2A BA . -7.58 -24.44 -22.38
N08 I2A BA . -6.28 -31.39 -23.29
N09 I2A BA . 3.68 -29.95 -18.36
N10 I2A BA . 1.21 -32.12 -13.29
N11 I2A BA . -4.22 -29.64 -10.53
N12 I2A BA . -2.61 -32.09 -18.49
N I2A BA . -3.56 -30.19 -18.23
C01 I2A BA . -5.02 -28.77 -15.29
C02 I2A BA . -6.28 -28.32 -14.53
C03 I2A BA . -7.33 -28.30 -15.62
C04 I2A BA . -6.45 -28.03 -16.87
C05 I2A BA . -6.99 -27.45 -18.10
C06 I2A BA . -6.19 -27.33 -19.22
C07 I2A BA . -6.63 -26.85 -20.58
C08 I2A BA . -5.53 -27.48 -21.48
C09 I2A BA . -4.38 -27.55 -20.57
C21 I2A BA . -6.70 -29.29 -13.37
C22 I2A BA . -6.12 -26.91 -13.92
C23 I2A BA . -7.36 -26.40 -13.17
C24 I2A BA . -8.23 -29.53 -15.87
C28 I2A BA . -8.02 -27.28 -21.04
C29 I2A BA . -6.40 -25.30 -20.49
C33 I2A BA . -5.06 -31.11 -22.86
C34 I2A BA . -0.52 -25.61 -20.41
C39 I2A BA . 0.87 -27.72 -16.26
C40 I2A BA . -1.13 -26.79 -13.70
C44 I2A BA . -3.12 -28.57 -12.38
C45 I2A BA . -3.49 -29.88 -11.68
C51 I2A BA . -0.16 -34.12 -16.84
C52 I2A BA . 0.51 -32.93 -17.50
C58 I2A BA . -4.60 -33.35 -19.30
C59 I2A BA . -3.87 -32.27 -18.85
C I2A BA . -6.76 -34.39 -20.17
O01 I2A BA . -3.90 -25.69 -17.51
O02 I2A BA . -7.28 -26.24 -11.89
O03 I2A BA . -11.67 -30.66 -14.93
O04 I2A BA . -5.31 -24.10 -22.21
O05 I2A BA . -4.32 -32.07 -22.59
O06 I2A BA . 3.61 -27.75 -18.66
O07 I2A BA . 2.27 -30.91 -14.87
O08 I2A BA . -3.21 -30.99 -12.01
O09 I2A BA . 0.20 -34.17 -15.47
O10 I2A BA . 1.49 -34.95 -13.55
O11 I2A BA . 1.66 -36.21 -15.72
O12 I2A BA . -0.41 -36.38 -14.24
O13 I2A BA . -0.36 -32.53 -18.51
O14 I2A BA . -2.13 -32.95 -16.02
O I2A BA . 1.82 -34.18 -18.97
C1 PGE CA . 1.53 37.98 8.96
O1 PGE CA . 2.27 38.56 7.92
C2 PGE CA . 2.27 38.00 10.27
O2 PGE CA . 1.66 37.09 11.17
C3 PGE CA . 0.53 37.65 11.86
C4 PGE CA . -0.46 36.62 12.39
O4 PGE CA . -3.13 35.47 9.83
C6 PGE CA . -3.44 36.26 10.95
C5 PGE CA . -2.43 37.38 11.24
O3 PGE CA . -1.78 37.13 12.51
NA NA DA . -1.32 16.12 22.62
S SCN EA . 30.91 3.64 11.47
C SCN EA . 30.88 3.63 9.94
N SCN EA . 30.92 3.61 8.86
C1 PEG FA . 13.47 29.42 4.76
O1 PEG FA . 12.72 28.77 3.74
C2 PEG FA . 12.81 29.34 6.08
O2 PEG FA . 13.54 28.47 6.96
C3 PEG FA . 13.10 27.12 6.90
C4 PEG FA . 11.98 26.89 7.86
O4 PEG FA . 10.74 26.53 7.25
C1 PEG GA . -6.02 22.80 -9.38
O1 PEG GA . -4.70 22.26 -9.71
C2 PEG GA . -7.13 21.81 -9.37
O2 PEG GA . -8.19 22.27 -8.53
C3 PEG GA . -9.27 21.37 -8.48
C4 PEG GA . -9.37 20.75 -7.11
O4 PEG GA . -9.12 19.34 -7.13
C1 GOL HA . 16.38 18.81 7.97
O1 GOL HA . 15.80 18.91 9.27
C2 GOL HA . 16.88 20.16 7.48
O2 GOL HA . 18.00 20.57 8.26
C3 GOL HA . 17.24 20.18 6.02
O3 GOL HA . 18.54 19.68 5.76
C1 GOL IA . 24.96 1.86 1.53
O1 GOL IA . 23.70 1.81 0.82
C2 GOL IA . 24.97 1.30 2.96
O2 GOL IA . 24.27 0.08 2.92
C3 GOL IA . 26.33 0.96 3.54
O3 GOL IA . 27.13 2.09 3.89
C1 GOL JA . -4.55 7.06 31.49
O1 GOL JA . -4.68 7.92 30.37
C2 GOL JA . -3.15 6.99 32.08
O2 GOL JA . -2.15 7.61 31.28
C3 GOL JA . -3.09 7.53 33.48
O3 GOL JA . -1.77 7.75 33.98
C1 GOL KA . 4.69 23.19 30.38
O1 GOL KA . 6.06 23.55 30.52
C2 GOL KA . 4.55 21.94 29.56
O2 GOL KA . 3.19 21.50 29.61
C3 GOL KA . 5.06 22.11 28.15
O3 GOL KA . 4.06 22.50 27.22
C1 GOL LA . -3.35 30.62 19.55
O1 GOL LA . -2.41 31.44 18.87
C2 GOL LA . -2.79 29.23 19.78
O2 GOL LA . -3.81 28.40 20.34
C3 GOL LA . -2.25 28.56 18.53
O3 GOL LA . -1.42 27.45 18.83
C1 GOL MA . -6.74 24.58 19.15
O1 GOL MA . -7.84 24.93 18.31
C2 GOL MA . -6.06 25.81 19.73
O2 GOL MA . -6.63 27.02 19.25
C3 GOL MA . -6.12 25.82 21.24
O3 GOL MA . -4.87 26.21 21.78
C1 GOL NA . 5.99 15.43 11.26
O1 GOL NA . 6.98 16.30 10.71
C2 GOL NA . 6.21 15.07 12.71
O2 GOL NA . 5.20 15.62 13.57
C3 GOL NA . 6.30 13.57 12.96
O3 GOL NA . 5.85 12.84 11.82
C1 GOL OA . 12.75 41.11 18.56
O1 GOL OA . 11.61 40.69 19.30
C2 GOL OA . 13.61 39.93 18.19
O2 GOL OA . 15.00 40.25 18.35
C3 GOL OA . 13.31 38.68 19.00
O3 GOL OA . 14.32 37.70 18.83
C1 GOL PA . 9.87 37.02 0.97
O1 GOL PA . 11.21 37.43 0.65
C2 GOL PA . 9.82 35.71 1.72
O2 GOL PA . 9.58 35.91 3.12
C3 GOL PA . 8.74 34.82 1.12
O3 GOL PA . 8.53 33.62 1.85
C1 GOL QA . -4.72 1.37 6.53
O1 GOL QA . -5.27 0.51 7.54
C2 GOL QA . -5.71 1.66 5.43
O2 GOL QA . -6.51 0.52 5.17
C3 GOL QA . -6.61 2.84 5.72
O3 GOL QA . -7.44 3.15 4.61
C ACT RA . 21.84 24.38 28.71
O ACT RA . 22.92 24.76 28.22
OXT ACT RA . 21.66 23.29 29.31
CH3 ACT RA . 20.65 25.36 28.60
C ACT SA . 5.48 6.26 -5.94
O ACT SA . 5.27 7.37 -6.46
OXT ACT SA . 6.46 5.92 -5.22
CH3 ACT SA . 4.46 5.23 -6.05
CO I2A TA . 1.36 7.72 15.26
C20 I2A TA . 2.05 5.83 12.32
C25 I2A TA . 6.86 5.62 12.38
C26 I2A TA . 7.62 4.37 12.68
C27 I2A TA . 6.10 7.42 15.68
C30 I2A TA . 4.70 9.31 19.99
C31 I2A TA . 3.15 5.26 19.11
C32 I2A TA . 1.77 4.60 19.31
C35 I2A TA . -2.12 7.78 19.31
C36 I2A TA . -3.34 7.39 16.68
C37 I2A TA . -4.62 7.45 17.51
C38 I2A TA . -5.75 7.92 16.75
C41 I2A TA . -2.24 8.46 11.23
C42 I2A TA . -2.61 7.00 11.54
C43 I2A TA . -4.09 6.76 11.22
C10 I2A TA . 0.68 7.57 18.46
C11 I2A TA . -0.29 8.01 17.60
C12 I2A TA . -1.47 8.54 18.22
C46 I2A TA . -5.63 5.84 9.54
C47 I2A TA . -6.12 4.50 10.05
C13 I2A TA . -2.39 8.57 16.96
C48 I2A TA . -7.54 4.19 9.60
C49 I2A TA . -1.90 3.17 14.69
C50 I2A TA . -2.00 2.88 13.14
C14 I2A TA . -1.35 8.49 15.86
C15 I2A TA . -1.69 8.81 14.48
C53 I2A TA . -5.34 4.08 14.34
C16 I2A TA . -0.79 8.60 13.43
C17 I2A TA . -0.92 8.93 11.91
C54 I2A TA . -0.53 5.29 14.99
C55 I2A TA . 2.76 4.20 15.72
C56 I2A TA . 3.23 2.91 15.85
C57 I2A TA . 2.29 1.80 15.73
C18 I2A TA . 0.30 8.19 11.33
C60 I2A TA . 1.44 4.49 15.43
C61 I2A TA . 4.66 2.66 16.19
C19 I2A TA . 1.27 8.09 12.43
P I2A TA . -4.68 2.41 10.61
N01 I2A TA . 2.77 7.38 14.06
N02 I2A TA . 2.47 7.25 16.76
N03 I2A TA . -0.19 8.09 16.30
N04 I2A TA . 0.54 8.37 13.65
N05 I2A TA . 6.46 9.38 11.83
N06 I2A TA . 8.52 4.03 11.74
N07 I2A TA . 5.88 9.08 20.57
N08 I2A TA . 2.96 2.50 19.65
N09 I2A TA . -5.76 9.22 16.55
N10 I2A TA . -4.31 6.15 10.04
N11 I2A TA . 1.72 7.86 7.79
N12 I2A TA . -0.69 3.92 15.04
N I2A TA . 0.73 5.66 15.28
C01 I2A TA . 2.52 7.24 12.59
C02 I2A TA . 3.88 7.58 12.02
C03 I2A TA . 4.87 7.09 13.09
C04 I2A TA . 3.99 7.27 14.34
C05 I2A TA . 4.63 7.35 15.64
C06 I2A TA . 3.86 7.38 16.81
C07 I2A TA . 4.34 7.39 18.28
C08 I2A TA . 3.10 6.79 18.96
C09 I2A TA . 2.02 7.25 18.10
C21 I2A TA . 4.10 6.89 10.65
C22 I2A TA . 4.03 9.08 11.83
C23 I2A TA . 5.35 9.51 11.16
C24 I2A TA . 5.46 5.71 13.05
C28 I2A TA . 5.59 6.58 18.58
C29 I2A TA . 4.49 8.88 18.54
C33 I2A TA . 1.85 3.09 19.30
C34 I2A TA . -1.29 9.97 18.66
C39 I2A TA . -3.03 9.38 14.10
C40 I2A TA . -0.73 10.45 11.74
C44 I2A TA . 0.80 8.65 9.96
C45 I2A TA . 0.91 7.54 8.87
C51 I2A TA . -3.50 3.00 12.93
C52 I2A TA . -3.88 4.11 13.92
C58 I2A TA . 0.98 2.07 15.43
C59 I2A TA . 0.50 3.38 15.28
C I2A TA . 2.80 0.38 15.88
O01 I2A TA . 2.11 9.83 15.56
O02 I2A TA . 5.43 9.96 9.94
O03 I2A TA . 7.47 3.69 13.68
O04 I2A TA . 3.72 9.88 20.53
O05 I2A TA . 0.93 2.42 18.91
O06 I2A TA . -6.56 7.08 16.31
O07 I2A TA . -4.96 7.18 12.02
O08 I2A TA . 0.36 6.41 8.93
O09 I2A TA . -3.84 3.35 11.61
O10 I2A TA . -5.24 3.47 9.59
O11 I2A TA . -5.75 1.76 11.41
O12 I2A TA . -3.74 1.50 9.90
O13 I2A TA . -3.01 4.00 15.06
O14 I2A TA . -1.31 3.91 12.45
O I2A TA . -5.59 2.94 15.12
#